data_5XMH
#
_entry.id   5XMH
#
_cell.length_a   189.895
_cell.length_b   189.895
_cell.length_c   79.602
_cell.angle_alpha   90.00
_cell.angle_beta   90.00
_cell.angle_gamma   120.00
#
_symmetry.space_group_name_H-M   'P 65'
#
loop_
_entity.id
_entity.type
_entity.pdbx_description
1 polymer 'Immunoglobulin gamma-1 heavy chain'
2 polymer 'YES8c light chain'
3 polymer 'YES8c heavy chain'
4 branched 2-acetamido-2-deoxy-beta-D-glucopyranose-(1-2)-alpha-D-mannopyranose-(1-3)-[2-acetamido-2-deoxy-beta-D-glucopyranose-(1-2)-alpha-D-mannopyranose-(1-6)]beta-D-mannopyranose-(1-4)-2-acetamido-2-deoxy-beta-D-glucopyranose-(1-4)-[alpha-L-fucopyranose-(1-6)]2-acetamido-2-deoxy-beta-D-glucopyranose
5 branched 2-acetamido-2-deoxy-beta-D-glucopyranose-(1-2)-alpha-D-mannopyranose-(1-6)-[alpha-D-mannopyranose-(1-3)]beta-D-mannopyranose-(1-4)-2-acetamido-2-deoxy-beta-D-glucopyranose-(1-4)-2-acetamido-2-deoxy-beta-D-glucopyranose
6 water water
#
loop_
_entity_poly.entity_id
_entity_poly.type
_entity_poly.pdbx_seq_one_letter_code
_entity_poly.pdbx_strand_id
1 'polypeptide(L)'
;GPSVFLFPPKPKDTLMISRTPEVTCVVVDVSHEDPEVKFNWYVDGVEVHNAKTKPREEQYNSTYRVVSVLTVLHQDWLNG
KEYKCKVSNKALPAPIEKTISKAKGQPREPQVYTLPPSRDELTKNQVSLTCLVKGFYPSDIAVEWESNGQPENNYKTTPP
VLDSDGSFFLYSKLTVDKSRWQQGNVFSCSVMHEALHNHYTQKSLSLS
;
A,B
2 'polypeptide(L)'
;MEIVLTQSPGTLSLSPGERATLSCRASQSISSSYLAWYQQRPGQAPRLLIYGASTRATGIPDRFSGSGSGTDFTLTISRL
EPEDFAVYYCQQYGSSPYTFGQGTKLEIKRTVAAPSVFIFPPSDEQLKSGTASVVCLLNNFYPREAKVQWKVDNALQSGN
SQESVTEQDSKDSTYSLSSTLTLSKADYEKHKVYACEVTHQGLSSPVTKSFNRGEC
;
L,C
3 'polypeptide(L)'
;MQVQLVQSGAEVKKPGSSVKVSCKASGGTFSSYPISWVRQAPGQGLEWVGGIIPLFGTANYAQRFQGRVTITADESTRTA
YMEVSTLRSEDTAVYYCARGIASAGTPDYFFYWGQGTLVTVSSASTKGPSVFPLAPSSKSTSGGTAALGCLVKDYFPEPV
TVSWNSGALTSGVHTFPAVLQSSGLYSLSSVVTVPSSSLGTQTYICNVNHKPSNTKVDKKVEPKSC
;
H,D
#
# COMPACT_ATOMS: atom_id res chain seq x y z
N GLY A 1 -34.31 -11.57 32.47
CA GLY A 1 -34.99 -11.97 31.24
C GLY A 1 -34.07 -12.08 30.04
N PRO A 2 -34.64 -12.41 28.88
CA PRO A 2 -33.82 -12.55 27.67
C PRO A 2 -33.29 -11.21 27.18
N SER A 3 -32.03 -11.21 26.73
CA SER A 3 -31.40 -10.06 26.12
C SER A 3 -31.46 -10.17 24.59
N VAL A 4 -31.26 -9.03 23.94
CA VAL A 4 -31.33 -8.93 22.48
C VAL A 4 -30.13 -8.14 21.98
N PHE A 5 -29.47 -8.66 20.95
CA PHE A 5 -28.37 -7.96 20.29
C PHE A 5 -28.63 -7.97 18.78
N LEU A 6 -28.38 -6.83 18.14
CA LEU A 6 -28.65 -6.64 16.73
C LEU A 6 -27.34 -6.39 15.99
N PHE A 7 -27.08 -7.18 14.95
CA PHE A 7 -25.79 -7.16 14.29
C PHE A 7 -25.91 -6.69 12.84
N PRO A 8 -24.90 -5.97 12.35
CA PRO A 8 -24.95 -5.47 10.97
C PRO A 8 -24.53 -6.55 9.99
N PRO A 9 -24.74 -6.34 8.69
CA PRO A 9 -24.26 -7.31 7.70
C PRO A 9 -22.75 -7.28 7.60
N LYS A 10 -22.21 -8.36 7.03
CA LYS A 10 -20.79 -8.43 6.79
C LYS A 10 -20.40 -7.41 5.72
N PRO A 11 -19.27 -6.71 5.89
CA PRO A 11 -18.91 -5.66 4.93
C PRO A 11 -18.81 -6.15 3.50
N LYS A 12 -18.26 -7.34 3.29
CA LYS A 12 -18.17 -7.89 1.94
C LYS A 12 -19.54 -8.05 1.31
N ASP A 13 -20.54 -8.47 2.11
CA ASP A 13 -21.87 -8.73 1.56
C ASP A 13 -22.57 -7.46 1.11
N THR A 14 -22.36 -6.34 1.80
CA THR A 14 -22.98 -5.09 1.37
C THR A 14 -22.27 -4.46 0.19
N LEU A 15 -21.00 -4.77 -0.03
CA LEU A 15 -20.23 -4.14 -1.09
C LEU A 15 -20.28 -4.90 -2.40
N MET A 16 -20.64 -6.18 -2.37
CA MET A 16 -20.66 -7.02 -3.56
C MET A 16 -22.10 -7.37 -3.88
N ILE A 17 -22.54 -7.05 -5.10
CA ILE A 17 -23.93 -7.26 -5.48
C ILE A 17 -24.23 -8.74 -5.71
N SER A 18 -23.21 -9.54 -6.06
CA SER A 18 -23.41 -10.97 -6.19
C SER A 18 -23.62 -11.66 -4.84
N ARG A 19 -23.50 -10.93 -3.74
CA ARG A 19 -23.69 -11.46 -2.40
C ARG A 19 -24.96 -10.90 -1.78
N THR A 20 -25.39 -11.52 -0.68
CA THR A 20 -26.64 -11.15 -0.02
C THR A 20 -26.37 -10.64 1.38
N PRO A 21 -26.46 -9.33 1.62
CA PRO A 21 -26.30 -8.81 2.98
C PRO A 21 -27.56 -9.00 3.82
N GLU A 22 -27.35 -9.14 5.13
CA GLU A 22 -28.45 -9.42 6.04
C GLU A 22 -28.12 -8.90 7.43
N VAL A 23 -29.13 -8.34 8.10
CA VAL A 23 -29.02 -7.95 9.51
C VAL A 23 -29.53 -9.10 10.36
N THR A 24 -28.89 -9.31 11.51
CA THR A 24 -29.14 -10.48 12.35
C THR A 24 -29.60 -10.04 13.73
N CYS A 25 -30.73 -10.57 14.17
CA CYS A 25 -31.31 -10.26 15.48
C CYS A 25 -31.16 -11.50 16.36
N VAL A 26 -30.21 -11.45 17.29
CA VAL A 26 -29.90 -12.57 18.17
C VAL A 26 -30.62 -12.37 19.50
N VAL A 27 -31.32 -13.41 19.94
CA VAL A 27 -31.99 -13.43 21.24
C VAL A 27 -31.32 -14.50 22.10
N VAL A 28 -30.77 -14.09 23.24
CA VAL A 28 -30.08 -15.00 24.15
C VAL A 28 -30.82 -15.02 25.48
N ASP A 29 -30.42 -15.96 26.34
CA ASP A 29 -31.01 -16.13 27.68
C ASP A 29 -32.52 -16.34 27.60
N VAL A 30 -32.95 -17.18 26.68
CA VAL A 30 -34.36 -17.58 26.57
C VAL A 30 -34.58 -18.80 27.44
N SER A 31 -35.52 -18.71 28.37
CA SER A 31 -35.73 -19.76 29.35
C SER A 31 -36.32 -21.01 28.69
N HIS A 32 -36.15 -22.14 29.37
CA HIS A 32 -36.75 -23.39 28.91
C HIS A 32 -38.27 -23.38 29.05
N GLU A 33 -38.78 -22.67 30.06
CA GLU A 33 -40.22 -22.69 30.31
C GLU A 33 -40.98 -21.90 29.26
N ASP A 34 -40.46 -20.73 28.86
CA ASP A 34 -41.07 -19.86 27.87
C ASP A 34 -40.13 -19.76 26.67
N PRO A 35 -40.20 -20.70 25.72
CA PRO A 35 -39.24 -20.71 24.61
C PRO A 35 -39.71 -19.93 23.39
N GLU A 36 -41.02 -19.84 23.18
CA GLU A 36 -41.55 -19.20 21.98
C GLU A 36 -41.17 -17.72 21.94
N VAL A 37 -40.69 -17.27 20.78
CA VAL A 37 -40.25 -15.89 20.59
C VAL A 37 -40.81 -15.39 19.27
N LYS A 38 -41.33 -14.17 19.27
CA LYS A 38 -41.88 -13.53 18.08
C LYS A 38 -40.99 -12.38 17.63
N PHE A 39 -40.93 -12.17 16.32
CA PHE A 39 -40.08 -11.14 15.72
C PHE A 39 -40.92 -10.16 14.92
N ASN A 40 -40.59 -8.88 15.03
CA ASN A 40 -41.21 -7.81 14.26
C ASN A 40 -40.12 -6.93 13.70
N TRP A 41 -39.99 -6.90 12.37
CA TRP A 41 -38.96 -6.12 11.70
C TRP A 41 -39.55 -4.86 11.08
N TYR A 42 -38.84 -3.75 11.22
CA TYR A 42 -39.27 -2.46 10.70
C TYR A 42 -38.10 -1.79 9.99
N VAL A 43 -38.28 -1.52 8.70
CA VAL A 43 -37.26 -0.85 7.88
C VAL A 43 -37.66 0.61 7.77
N ASP A 44 -36.90 1.49 8.41
CA ASP A 44 -37.11 2.94 8.42
C ASP A 44 -38.49 3.34 8.96
N GLY A 45 -39.25 2.40 9.52
CA GLY A 45 -40.58 2.69 10.01
C GLY A 45 -41.61 1.69 9.55
N VAL A 46 -41.62 1.40 8.25
CA VAL A 46 -42.57 0.42 7.70
C VAL A 46 -42.11 -0.98 8.07
N GLU A 47 -43.08 -1.86 8.29
CA GLU A 47 -42.80 -3.24 8.68
C GLU A 47 -42.59 -4.11 7.46
N VAL A 48 -41.60 -4.99 7.53
CA VAL A 48 -41.34 -5.97 6.49
C VAL A 48 -41.68 -7.35 7.03
N HIS A 49 -41.97 -8.28 6.11
CA HIS A 49 -42.40 -9.62 6.48
C HIS A 49 -41.59 -10.71 5.80
N ASN A 50 -40.40 -10.39 5.30
CA ASN A 50 -39.60 -11.34 4.55
C ASN A 50 -38.42 -11.90 5.34
N ALA A 51 -38.40 -11.67 6.66
CA ALA A 51 -37.32 -12.17 7.49
C ALA A 51 -37.60 -13.60 7.95
N LYS A 52 -36.54 -14.41 8.00
CA LYS A 52 -36.65 -15.80 8.40
C LYS A 52 -36.13 -15.99 9.83
N THR A 53 -36.63 -17.01 10.51
CA THR A 53 -36.27 -17.30 11.89
C THR A 53 -35.66 -18.69 11.96
N LYS A 54 -34.37 -18.75 12.29
CA LYS A 54 -33.68 -20.03 12.38
C LYS A 54 -34.12 -20.79 13.64
N PRO A 55 -34.08 -22.12 13.60
CA PRO A 55 -34.51 -22.90 14.77
C PRO A 55 -33.66 -22.61 16.00
N ARG A 56 -34.28 -22.80 17.17
CA ARG A 56 -33.63 -22.50 18.44
C ARG A 56 -32.42 -23.40 18.65
N GLU A 57 -31.33 -22.81 19.11
CA GLU A 57 -30.08 -23.51 19.40
C GLU A 57 -29.88 -23.53 20.91
N GLU A 58 -30.08 -24.69 21.52
CA GLU A 58 -29.87 -24.83 22.95
C GLU A 58 -28.41 -24.58 23.30
N GLN A 59 -28.18 -23.77 24.32
CA GLN A 59 -26.84 -23.37 24.70
C GLN A 59 -26.37 -24.15 25.94
N TYR A 60 -25.10 -23.97 26.27
CA TYR A 60 -24.50 -24.65 27.41
C TYR A 60 -24.56 -23.83 28.69
N ASN A 61 -25.65 -23.10 28.91
CA ASN A 61 -25.93 -22.45 30.19
C ASN A 61 -27.42 -22.49 30.48
N SER A 62 -28.06 -23.60 30.09
CA SER A 62 -29.46 -23.88 30.41
C SER A 62 -30.42 -22.88 29.79
N THR A 63 -30.03 -22.29 28.65
CA THR A 63 -30.87 -21.33 27.95
C THR A 63 -30.83 -21.62 26.46
N TYR A 64 -31.86 -21.15 25.75
CA TYR A 64 -31.94 -21.25 24.30
C TYR A 64 -31.41 -19.98 23.65
N ARG A 65 -31.30 -20.02 22.32
CA ARG A 65 -30.79 -18.89 21.54
C ARG A 65 -31.53 -18.87 20.22
N VAL A 66 -32.31 -17.82 19.98
CA VAL A 66 -33.12 -17.69 18.78
C VAL A 66 -32.50 -16.61 17.90
N VAL A 67 -32.46 -16.87 16.59
CA VAL A 67 -31.85 -15.95 15.64
C VAL A 67 -32.86 -15.71 14.51
N SER A 68 -33.09 -14.43 14.19
CA SER A 68 -33.88 -14.03 13.04
C SER A 68 -33.00 -13.25 12.09
N VAL A 69 -33.13 -13.52 10.79
CA VAL A 69 -32.30 -12.92 9.76
C VAL A 69 -33.19 -12.16 8.79
N LEU A 70 -32.83 -10.90 8.52
CA LEU A 70 -33.52 -10.08 7.54
C LEU A 70 -32.53 -9.65 6.47
N THR A 71 -32.70 -10.19 5.26
CA THR A 71 -31.86 -9.77 4.13
C THR A 71 -32.16 -8.32 3.77
N VAL A 72 -31.10 -7.56 3.53
CA VAL A 72 -31.21 -6.13 3.27
C VAL A 72 -30.73 -5.85 1.85
N LEU A 73 -31.16 -4.71 1.33
CA LEU A 73 -30.68 -4.23 0.04
C LEU A 73 -29.39 -3.45 0.25
N HIS A 74 -28.43 -3.65 -0.66
CA HIS A 74 -27.11 -3.03 -0.51
C HIS A 74 -27.21 -1.51 -0.37
N GLN A 75 -28.04 -0.88 -1.22
CA GLN A 75 -28.16 0.57 -1.17
C GLN A 75 -28.78 1.05 0.13
N ASP A 76 -29.83 0.36 0.59
CA ASP A 76 -30.53 0.80 1.79
C ASP A 76 -29.60 0.85 2.99
N TRP A 77 -28.76 -0.18 3.15
CA TRP A 77 -27.81 -0.16 4.25
C TRP A 77 -26.79 0.95 4.09
N LEU A 78 -26.23 1.09 2.88
CA LEU A 78 -25.19 2.09 2.67
C LEU A 78 -25.75 3.51 2.71
N ASN A 79 -27.03 3.69 2.39
CA ASN A 79 -27.63 5.01 2.43
C ASN A 79 -28.11 5.41 3.83
N GLY A 80 -27.98 4.53 4.82
CA GLY A 80 -28.27 4.89 6.19
C GLY A 80 -29.65 4.57 6.69
N LYS A 81 -30.41 3.74 5.96
CA LYS A 81 -31.72 3.33 6.46
C LYS A 81 -31.57 2.56 7.77
N GLU A 82 -32.59 2.66 8.60
CA GLU A 82 -32.56 2.08 9.95
C GLU A 82 -33.36 0.79 9.98
N TYR A 83 -32.80 -0.23 10.62
CA TYR A 83 -33.43 -1.54 10.76
C TYR A 83 -33.75 -1.78 12.22
N LYS A 84 -35.02 -2.06 12.52
CA LYS A 84 -35.50 -2.27 13.88
C LYS A 84 -36.02 -3.68 14.03
N CYS A 85 -35.64 -4.32 15.14
CA CYS A 85 -36.07 -5.67 15.47
C CYS A 85 -36.76 -5.63 16.82
N LYS A 86 -38.04 -6.02 16.85
CA LYS A 86 -38.83 -6.05 18.09
C LYS A 86 -39.01 -7.51 18.50
N VAL A 87 -38.54 -7.84 19.71
CA VAL A 87 -38.59 -9.19 20.24
C VAL A 87 -39.64 -9.24 21.34
N SER A 88 -40.65 -10.09 21.16
CA SER A 88 -41.74 -10.23 22.11
C SER A 88 -41.78 -11.68 22.61
N ASN A 89 -41.58 -11.86 23.91
CA ASN A 89 -41.58 -13.18 24.53
C ASN A 89 -42.48 -13.17 25.76
N LYS A 90 -43.09 -14.33 26.03
CA LYS A 90 -44.05 -14.45 27.12
C LYS A 90 -43.38 -14.44 28.49
N ALA A 91 -42.30 -13.68 28.64
CA ALA A 91 -41.61 -13.59 29.92
C ALA A 91 -40.94 -12.25 30.14
N LEU A 92 -41.06 -11.30 29.22
CA LEU A 92 -40.49 -9.95 29.31
C LEU A 92 -41.53 -8.98 29.86
N PRO A 93 -41.11 -8.03 30.71
CA PRO A 93 -42.04 -6.98 31.15
C PRO A 93 -42.56 -6.13 30.01
N ALA A 94 -41.83 -6.05 28.90
CA ALA A 94 -42.23 -5.29 27.72
C ALA A 94 -41.37 -5.74 26.56
N PRO A 95 -41.92 -5.74 25.34
CA PRO A 95 -41.10 -6.12 24.17
C PRO A 95 -39.87 -5.24 24.04
N ILE A 96 -38.75 -5.87 23.69
CA ILE A 96 -37.48 -5.17 23.56
C ILE A 96 -37.27 -4.79 22.09
N GLU A 97 -36.89 -3.54 21.86
CA GLU A 97 -36.63 -3.03 20.53
C GLU A 97 -35.18 -2.62 20.41
N LYS A 98 -34.50 -3.12 19.38
CA LYS A 98 -33.13 -2.75 19.07
C LYS A 98 -33.04 -2.21 17.65
N THR A 99 -32.10 -1.30 17.43
CA THR A 99 -31.98 -0.60 16.16
C THR A 99 -30.51 -0.38 15.81
N ILE A 100 -30.16 -0.65 14.55
CA ILE A 100 -28.83 -0.35 14.02
C ILE A 100 -28.96 0.25 12.63
N SER A 101 -27.91 0.93 12.20
CA SER A 101 -27.81 1.51 10.87
C SER A 101 -26.34 1.79 10.61
N LYS A 102 -26.05 2.37 9.44
CA LYS A 102 -24.68 2.73 9.13
C LYS A 102 -24.21 3.88 10.04
N ALA A 103 -22.90 4.10 10.06
CA ALA A 103 -22.28 4.86 11.14
C ALA A 103 -22.58 6.35 11.09
N LYS A 104 -22.96 6.90 9.93
CA LYS A 104 -23.13 8.34 9.73
C LYS A 104 -21.81 9.09 9.89
N GLY A 105 -21.46 9.90 8.92
CA GLY A 105 -20.20 10.61 8.90
C GLY A 105 -19.65 10.51 7.49
N GLN A 106 -18.88 11.51 7.09
CA GLN A 106 -18.36 11.56 5.73
C GLN A 106 -17.44 10.37 5.48
N PRO A 107 -17.71 9.54 4.48
CA PRO A 107 -16.84 8.39 4.22
C PRO A 107 -15.47 8.84 3.73
N ARG A 108 -14.46 8.04 4.05
CA ARG A 108 -13.08 8.34 3.70
C ARG A 108 -12.43 7.11 3.09
N GLU A 109 -11.66 7.33 2.02
CA GLU A 109 -11.11 6.23 1.26
C GLU A 109 -9.97 5.58 2.03
N PRO A 110 -9.89 4.25 2.05
CA PRO A 110 -8.78 3.58 2.74
C PRO A 110 -7.49 3.65 1.93
N GLN A 111 -6.41 4.04 2.59
CA GLN A 111 -5.07 3.95 2.02
C GLN A 111 -4.50 2.58 2.35
N VAL A 112 -3.88 1.95 1.36
CA VAL A 112 -3.38 0.59 1.50
C VAL A 112 -1.87 0.59 1.30
N TYR A 113 -1.15 0.01 2.26
CA TYR A 113 0.31 -0.04 2.23
C TYR A 113 0.76 -1.44 2.58
N THR A 114 1.41 -2.11 1.63
CA THR A 114 1.99 -3.42 1.91
C THR A 114 3.39 -3.24 2.46
N LEU A 115 3.70 -4.01 3.51
CA LEU A 115 4.97 -3.90 4.20
C LEU A 115 5.71 -5.22 4.12
N PRO A 116 6.93 -5.25 3.58
CA PRO A 116 7.69 -6.50 3.52
C PRO A 116 8.05 -6.99 4.91
N PRO A 117 8.50 -8.23 5.04
CA PRO A 117 8.93 -8.71 6.36
C PRO A 117 10.23 -8.07 6.79
N SER A 118 10.36 -7.87 8.09
CA SER A 118 11.60 -7.38 8.66
C SER A 118 12.75 -8.33 8.33
N ARG A 119 13.94 -7.75 8.09
CA ARG A 119 15.11 -8.59 7.84
C ARG A 119 15.42 -9.48 9.03
N ASP A 120 15.07 -9.03 10.24
CA ASP A 120 15.29 -9.83 11.45
C ASP A 120 14.42 -11.07 11.49
N GLU A 121 13.34 -11.12 10.71
CA GLU A 121 12.44 -12.26 10.70
C GLU A 121 12.86 -13.35 9.70
N LEU A 122 13.77 -13.06 8.79
CA LEU A 122 14.22 -14.04 7.81
C LEU A 122 15.02 -15.18 8.44
N THR A 123 15.28 -15.14 9.75
CA THR A 123 15.87 -16.28 10.42
C THR A 123 14.87 -17.43 10.53
N LYS A 124 13.58 -17.12 10.67
CA LYS A 124 12.55 -18.12 10.85
C LYS A 124 12.32 -18.89 9.54
N ASN A 125 11.45 -19.89 9.62
CA ASN A 125 11.05 -20.66 8.44
C ASN A 125 9.83 -20.08 7.75
N GLN A 126 8.94 -19.45 8.52
CA GLN A 126 7.82 -18.70 7.97
C GLN A 126 8.04 -17.22 8.20
N VAL A 127 7.47 -16.40 7.31
CA VAL A 127 7.72 -14.97 7.27
C VAL A 127 6.38 -14.25 7.28
N SER A 128 6.36 -13.04 7.84
CA SER A 128 5.13 -12.27 8.02
C SER A 128 5.04 -11.17 6.98
N LEU A 129 3.98 -11.20 6.17
CA LEU A 129 3.68 -10.13 5.23
C LEU A 129 2.59 -9.25 5.83
N THR A 130 2.78 -7.94 5.75
CA THR A 130 1.92 -6.99 6.46
C THR A 130 1.19 -6.09 5.48
N CYS A 131 -0.09 -5.85 5.77
CA CYS A 131 -0.93 -4.93 4.99
C CYS A 131 -1.50 -3.90 5.94
N LEU A 132 -1.08 -2.64 5.79
CA LEU A 132 -1.58 -1.54 6.60
C LEU A 132 -2.68 -0.82 5.82
N VAL A 133 -3.86 -0.73 6.41
CA VAL A 133 -5.01 -0.03 5.83
C VAL A 133 -5.43 1.03 6.82
N LYS A 134 -5.26 2.30 6.45
CA LYS A 134 -5.51 3.40 7.38
C LYS A 134 -6.28 4.52 6.69
N GLY A 135 -7.02 5.27 7.49
CA GLY A 135 -7.68 6.47 7.02
C GLY A 135 -9.07 6.28 6.43
N PHE A 136 -9.73 5.17 6.72
CA PHE A 136 -11.04 4.89 6.14
C PHE A 136 -12.15 5.12 7.15
N TYR A 137 -13.35 5.35 6.62
CA TYR A 137 -14.56 5.51 7.42
C TYR A 137 -15.78 5.22 6.55
N PRO A 138 -16.77 4.50 7.10
CA PRO A 138 -16.77 3.92 8.44
C PRO A 138 -15.93 2.65 8.57
N SER A 139 -15.96 2.04 9.76
CA SER A 139 -15.10 0.90 10.05
C SER A 139 -15.44 -0.35 9.23
N ASP A 140 -16.56 -0.35 8.50
CA ASP A 140 -16.96 -1.51 7.70
C ASP A 140 -15.97 -1.69 6.55
N ILE A 141 -15.19 -2.78 6.59
CA ILE A 141 -14.13 -3.00 5.61
C ILE A 141 -13.84 -4.50 5.56
N ALA A 142 -13.24 -4.94 4.45
CA ALA A 142 -12.92 -6.34 4.25
C ALA A 142 -11.52 -6.45 3.64
N VAL A 143 -10.70 -7.35 4.17
CA VAL A 143 -9.33 -7.53 3.73
C VAL A 143 -9.09 -9.00 3.44
N GLU A 144 -8.42 -9.28 2.32
CA GLU A 144 -8.10 -10.64 1.92
C GLU A 144 -6.72 -10.67 1.28
N TRP A 145 -6.16 -11.88 1.18
CA TRP A 145 -4.87 -12.10 0.55
C TRP A 145 -5.03 -13.12 -0.58
N GLU A 146 -4.37 -12.84 -1.70
CA GLU A 146 -4.32 -13.76 -2.82
C GLU A 146 -2.93 -13.73 -3.42
N SER A 147 -2.64 -14.73 -4.25
CA SER A 147 -1.38 -14.81 -4.95
C SER A 147 -1.67 -15.31 -6.36
N ASN A 148 -1.60 -14.40 -7.35
CA ASN A 148 -1.91 -14.69 -8.74
C ASN A 148 -3.23 -15.44 -8.86
N GLY A 149 -4.30 -14.78 -8.41
CA GLY A 149 -5.65 -15.31 -8.51
C GLY A 149 -6.01 -16.36 -7.51
N GLN A 150 -5.05 -16.90 -6.75
CA GLN A 150 -5.38 -17.98 -5.83
C GLN A 150 -5.41 -17.46 -4.40
N PRO A 151 -6.47 -17.76 -3.65
CA PRO A 151 -6.61 -17.19 -2.31
C PRO A 151 -5.57 -17.73 -1.34
N GLU A 152 -4.84 -16.83 -0.69
CA GLU A 152 -4.03 -17.16 0.47
C GLU A 152 -4.92 -17.15 1.70
N ASN A 153 -4.95 -18.25 2.45
CA ASN A 153 -5.88 -18.38 3.55
C ASN A 153 -5.23 -18.27 4.94
N ASN A 154 -3.93 -18.51 5.06
CA ASN A 154 -3.26 -18.43 6.36
C ASN A 154 -2.94 -16.97 6.68
N TYR A 155 -4.00 -16.22 7.01
CA TYR A 155 -3.85 -14.83 7.40
C TYR A 155 -4.83 -14.49 8.52
N LYS A 156 -4.45 -13.50 9.32
CA LYS A 156 -5.29 -12.93 10.35
C LYS A 156 -5.30 -11.42 10.18
N THR A 157 -6.44 -10.80 10.53
CA THR A 157 -6.59 -9.36 10.44
C THR A 157 -7.06 -8.82 11.79
N THR A 158 -6.44 -7.74 12.25
CA THR A 158 -6.88 -7.11 13.48
C THR A 158 -8.25 -6.46 13.26
N PRO A 159 -9.03 -6.29 14.32
CA PRO A 159 -10.24 -5.50 14.23
C PRO A 159 -9.91 -4.05 13.93
N PRO A 160 -10.87 -3.27 13.42
CA PRO A 160 -10.59 -1.86 13.16
C PRO A 160 -10.34 -1.09 14.45
N VAL A 161 -9.34 -0.21 14.41
CA VAL A 161 -8.95 0.59 15.57
C VAL A 161 -9.18 2.06 15.23
N LEU A 162 -9.93 2.75 16.09
CA LEU A 162 -10.16 4.17 15.91
C LEU A 162 -8.86 4.94 16.05
N ASP A 163 -8.58 5.81 15.08
CA ASP A 163 -7.34 6.58 15.06
C ASP A 163 -7.58 7.97 15.65
N SER A 164 -6.47 8.71 15.80
CA SER A 164 -6.54 10.01 16.47
C SER A 164 -7.31 11.06 15.68
N ASP A 165 -7.48 10.88 14.38
CA ASP A 165 -8.13 11.87 13.53
C ASP A 165 -9.57 11.52 13.20
N GLY A 166 -10.15 10.52 13.87
CA GLY A 166 -11.51 10.12 13.61
C GLY A 166 -11.67 8.98 12.62
N SER A 167 -10.67 8.72 11.78
CA SER A 167 -10.74 7.61 10.84
C SER A 167 -10.40 6.32 11.56
N PHE A 168 -10.37 5.21 10.81
CA PHE A 168 -10.02 3.92 11.35
C PHE A 168 -8.81 3.35 10.61
N PHE A 169 -8.16 2.40 11.26
CA PHE A 169 -7.06 1.68 10.64
C PHE A 169 -7.08 0.24 11.15
N LEU A 170 -6.43 -0.64 10.38
CA LEU A 170 -6.22 -2.01 10.83
C LEU A 170 -4.98 -2.55 10.14
N TYR A 171 -4.53 -3.70 10.63
CA TYR A 171 -3.41 -4.44 10.04
C TYR A 171 -3.86 -5.85 9.71
N SER A 172 -3.30 -6.40 8.63
CA SER A 172 -3.54 -7.77 8.24
C SER A 172 -2.20 -8.47 8.04
N LYS A 173 -2.05 -9.65 8.62
CA LYS A 173 -0.79 -10.38 8.60
C LYS A 173 -0.99 -11.69 7.84
N LEU A 174 -0.24 -11.87 6.76
CA LEU A 174 -0.21 -13.11 6.00
C LEU A 174 1.10 -13.84 6.28
N THR A 175 0.99 -15.13 6.61
CA THR A 175 2.15 -15.95 6.95
C THR A 175 2.44 -16.91 5.79
N VAL A 176 3.61 -16.77 5.19
CA VAL A 176 4.03 -17.64 4.10
C VAL A 176 5.39 -18.24 4.46
N ASP A 177 5.67 -19.41 3.88
CA ASP A 177 6.99 -19.99 4.04
C ASP A 177 8.04 -19.04 3.48
N LYS A 178 9.17 -18.93 4.17
CA LYS A 178 10.21 -18.00 3.76
C LYS A 178 10.71 -18.30 2.35
N SER A 179 10.70 -19.57 1.94
CA SER A 179 11.17 -19.92 0.60
C SER A 179 10.30 -19.29 -0.48
N ARG A 180 8.97 -19.32 -0.29
CA ARG A 180 8.08 -18.69 -1.25
C ARG A 180 8.38 -17.19 -1.37
N TRP A 181 8.69 -16.54 -0.26
CA TRP A 181 9.00 -15.11 -0.30
C TRP A 181 10.33 -14.86 -1.00
N GLN A 182 11.36 -15.63 -0.65
CA GLN A 182 12.65 -15.49 -1.31
C GLN A 182 12.59 -15.85 -2.79
N GLN A 183 11.66 -16.74 -3.16
CA GLN A 183 11.53 -17.11 -4.56
C GLN A 183 10.95 -16.01 -5.43
N GLY A 184 10.66 -14.83 -4.86
CA GLY A 184 10.14 -13.73 -5.65
C GLY A 184 8.66 -13.80 -5.96
N ASN A 185 7.90 -14.57 -5.18
CA ASN A 185 6.48 -14.68 -5.44
C ASN A 185 5.77 -13.36 -5.16
N VAL A 186 4.66 -13.14 -5.85
CA VAL A 186 3.86 -11.93 -5.74
C VAL A 186 2.62 -12.24 -4.91
N PHE A 187 2.46 -11.51 -3.82
CA PHE A 187 1.27 -11.62 -2.98
C PHE A 187 0.48 -10.33 -3.08
N SER A 188 -0.82 -10.43 -2.85
CA SER A 188 -1.72 -9.29 -3.00
C SER A 188 -2.60 -9.14 -1.78
N CYS A 189 -2.83 -7.89 -1.39
CA CYS A 189 -3.73 -7.55 -0.30
C CYS A 189 -4.95 -6.90 -0.93
N SER A 190 -6.09 -7.60 -0.90
CA SER A 190 -7.33 -7.11 -1.45
C SER A 190 -8.16 -6.46 -0.35
N VAL A 191 -8.45 -5.18 -0.51
CA VAL A 191 -9.24 -4.41 0.45
C VAL A 191 -10.54 -3.99 -0.20
N MET A 192 -11.64 -4.08 0.55
CA MET A 192 -12.96 -3.69 0.09
C MET A 192 -13.57 -2.71 1.08
N HIS A 193 -13.98 -1.55 0.57
CA HIS A 193 -14.56 -0.48 1.37
C HIS A 193 -15.48 0.34 0.48
N GLU A 194 -16.51 0.93 1.08
CA GLU A 194 -17.50 1.66 0.30
C GLU A 194 -16.93 2.92 -0.36
N ALA A 195 -15.80 3.42 0.12
CA ALA A 195 -15.21 4.63 -0.44
C ALA A 195 -14.23 4.35 -1.56
N LEU A 196 -14.07 3.09 -1.95
CA LEU A 196 -13.24 2.72 -3.08
C LEU A 196 -14.10 2.64 -4.34
N HIS A 197 -13.48 2.95 -5.49
CA HIS A 197 -14.16 2.75 -6.75
C HIS A 197 -14.43 1.26 -6.95
N ASN A 198 -15.68 0.94 -7.30
CA ASN A 198 -16.13 -0.43 -7.43
C ASN A 198 -15.95 -1.20 -6.12
N HIS A 199 -15.86 -0.47 -5.00
CA HIS A 199 -15.72 -1.01 -3.66
C HIS A 199 -14.47 -1.87 -3.49
N TYR A 200 -13.51 -1.78 -4.42
CA TYR A 200 -12.40 -2.71 -4.47
C TYR A 200 -11.09 -1.98 -4.74
N THR A 201 -10.02 -2.53 -4.18
CA THR A 201 -8.65 -2.17 -4.57
C THR A 201 -7.73 -3.25 -4.02
N GLN A 202 -6.53 -3.34 -4.58
CA GLN A 202 -5.56 -4.31 -4.09
C GLN A 202 -4.15 -3.81 -4.34
N LYS A 203 -3.25 -4.15 -3.42
CA LYS A 203 -1.83 -3.82 -3.53
C LYS A 203 -1.01 -5.09 -3.48
N SER A 204 0.08 -5.10 -4.22
CA SER A 204 0.94 -6.27 -4.29
C SER A 204 2.23 -6.05 -3.52
N LEU A 205 2.80 -7.16 -3.04
CA LEU A 205 4.01 -7.15 -2.24
C LEU A 205 4.93 -8.24 -2.79
N SER A 206 6.19 -7.89 -3.02
CA SER A 206 7.11 -8.81 -3.65
C SER A 206 8.54 -8.45 -3.25
N LEU A 207 9.39 -9.47 -3.18
CA LEU A 207 10.78 -9.25 -2.87
C LEU A 207 11.50 -8.63 -4.05
N SER A 208 12.27 -7.57 -3.78
CA SER A 208 13.17 -6.96 -4.76
C SER A 208 14.11 -5.99 -4.06
N PRO B 2 -27.60 -4.95 42.40
CA PRO B 2 -26.32 -4.37 41.99
C PRO B 2 -25.43 -5.37 41.27
N SER B 3 -24.68 -4.89 40.27
CA SER B 3 -23.79 -5.73 39.48
C SER B 3 -22.35 -5.57 39.94
N VAL B 4 -21.54 -6.57 39.64
CA VAL B 4 -20.15 -6.64 40.07
C VAL B 4 -19.27 -6.95 38.87
N PHE B 5 -18.17 -6.21 38.73
CA PHE B 5 -17.19 -6.42 37.66
C PHE B 5 -15.80 -6.40 38.25
N LEU B 6 -15.09 -7.52 38.14
CA LEU B 6 -13.75 -7.67 38.69
C LEU B 6 -12.71 -7.46 37.60
N PHE B 7 -11.72 -6.62 37.88
CA PHE B 7 -10.75 -6.21 36.88
C PHE B 7 -9.34 -6.68 37.22
N PRO B 8 -8.53 -7.03 36.23
CA PRO B 8 -7.17 -7.49 36.49
C PRO B 8 -6.20 -6.33 36.52
N PRO B 9 -4.97 -6.55 36.99
CA PRO B 9 -3.97 -5.47 37.00
C PRO B 9 -3.50 -5.11 35.60
N LYS B 10 -2.87 -3.94 35.50
CA LYS B 10 -2.23 -3.54 34.26
C LYS B 10 -1.02 -4.43 33.99
N PRO B 11 -0.75 -4.78 32.73
CA PRO B 11 0.31 -5.77 32.46
C PRO B 11 1.68 -5.35 32.97
N LYS B 12 2.09 -4.10 32.72
CA LYS B 12 3.42 -3.69 33.16
C LYS B 12 3.49 -3.51 34.68
N ASP B 13 2.35 -3.36 35.35
CA ASP B 13 2.37 -3.36 36.81
C ASP B 13 2.73 -4.73 37.37
N THR B 14 2.47 -5.80 36.61
CA THR B 14 2.80 -7.14 37.05
C THR B 14 4.20 -7.58 36.62
N LEU B 15 4.86 -6.81 35.76
CA LEU B 15 6.16 -7.20 35.22
C LEU B 15 7.32 -6.40 35.78
N MET B 16 7.09 -5.18 36.26
CA MET B 16 8.11 -4.39 36.94
C MET B 16 7.91 -4.49 38.45
N ILE B 17 8.97 -4.86 39.16
CA ILE B 17 8.90 -4.93 40.62
C ILE B 17 8.80 -3.55 41.25
N SER B 18 9.20 -2.50 40.52
CA SER B 18 9.01 -1.14 41.03
C SER B 18 7.57 -0.67 40.93
N ARG B 19 6.74 -1.34 40.14
CA ARG B 19 5.32 -1.01 40.05
C ARG B 19 4.52 -1.79 41.09
N THR B 20 3.25 -1.44 41.23
CA THR B 20 2.36 -2.09 42.18
C THR B 20 1.10 -2.56 41.48
N PRO B 21 0.98 -3.86 41.19
CA PRO B 21 -0.23 -4.37 40.54
C PRO B 21 -1.38 -4.49 41.52
N GLU B 22 -2.57 -4.16 41.03
CA GLU B 22 -3.77 -4.14 41.85
C GLU B 22 -4.91 -4.86 41.13
N VAL B 23 -5.74 -5.55 41.90
CA VAL B 23 -6.96 -6.17 41.39
C VAL B 23 -8.13 -5.35 41.91
N THR B 24 -8.95 -4.85 40.99
CA THR B 24 -10.01 -3.90 41.31
C THR B 24 -11.36 -4.60 41.23
N CYS B 25 -12.15 -4.48 42.29
CA CYS B 25 -13.50 -5.04 42.36
C CYS B 25 -14.49 -3.88 42.39
N VAL B 26 -15.16 -3.66 41.26
CA VAL B 26 -16.09 -2.54 41.11
C VAL B 26 -17.51 -3.07 41.26
N VAL B 27 -18.30 -2.39 42.10
CA VAL B 27 -19.72 -2.69 42.28
C VAL B 27 -20.52 -1.47 41.87
N VAL B 28 -21.54 -1.68 41.03
CA VAL B 28 -22.36 -0.60 40.52
C VAL B 28 -23.83 -0.90 40.82
N ASP B 29 -24.65 0.15 40.72
CA ASP B 29 -26.10 0.06 40.93
C ASP B 29 -26.43 -0.38 42.36
N VAL B 30 -25.78 0.26 43.33
CA VAL B 30 -26.10 0.06 44.74
C VAL B 30 -27.11 1.11 45.15
N SER B 31 -28.24 0.65 45.70
CA SER B 31 -29.35 1.53 45.99
C SER B 31 -29.03 2.49 47.14
N HIS B 32 -29.68 3.66 47.10
CA HIS B 32 -29.61 4.59 48.23
C HIS B 32 -30.40 4.11 49.44
N GLU B 33 -31.16 3.02 49.30
CA GLU B 33 -31.88 2.42 50.42
C GLU B 33 -31.02 1.41 51.16
N ASP B 34 -30.33 0.54 50.43
CA ASP B 34 -29.38 -0.41 51.01
C ASP B 34 -27.98 -0.04 50.51
N PRO B 35 -27.29 0.90 51.18
CA PRO B 35 -26.02 1.39 50.64
C PRO B 35 -24.80 0.67 51.19
N GLU B 36 -24.93 0.02 52.35
CA GLU B 36 -23.80 -0.61 53.03
C GLU B 36 -23.47 -1.93 52.34
N VAL B 37 -22.30 -1.99 51.69
CA VAL B 37 -21.82 -3.20 51.04
C VAL B 37 -20.53 -3.64 51.75
N LYS B 38 -20.35 -4.96 51.84
CA LYS B 38 -19.20 -5.56 52.50
C LYS B 38 -18.38 -6.35 51.50
N PHE B 39 -17.06 -6.18 51.58
CA PHE B 39 -16.13 -6.86 50.68
C PHE B 39 -15.36 -7.93 51.43
N ASN B 40 -15.19 -9.08 50.77
CA ASN B 40 -14.39 -10.18 51.30
C ASN B 40 -13.52 -10.73 50.19
N TRP B 41 -12.20 -10.64 50.34
CA TRP B 41 -11.26 -11.06 49.32
C TRP B 41 -10.66 -12.41 49.67
N TYR B 42 -10.36 -13.19 48.63
CA TYR B 42 -9.79 -14.52 48.80
C TYR B 42 -8.71 -14.73 47.74
N VAL B 43 -7.54 -15.18 48.17
CA VAL B 43 -6.43 -15.52 47.30
C VAL B 43 -6.22 -17.03 47.44
N ASP B 44 -6.68 -17.79 46.43
CA ASP B 44 -6.60 -19.25 46.44
C ASP B 44 -7.33 -19.84 47.65
N GLY B 45 -8.47 -19.24 48.00
CA GLY B 45 -9.26 -19.73 49.11
C GLY B 45 -8.99 -19.01 50.42
N VAL B 46 -7.72 -18.70 50.69
CA VAL B 46 -7.36 -18.04 51.94
C VAL B 46 -7.80 -16.58 51.88
N GLU B 47 -8.55 -16.15 52.89
CA GLU B 47 -8.99 -14.77 52.94
C GLU B 47 -7.83 -13.84 53.27
N VAL B 48 -7.80 -12.68 52.62
CA VAL B 48 -6.81 -11.65 52.89
C VAL B 48 -7.54 -10.39 53.35
N HIS B 49 -6.78 -9.49 53.99
CA HIS B 49 -7.35 -8.30 54.59
C HIS B 49 -6.64 -7.01 54.16
N ASN B 50 -5.71 -7.09 53.22
CA ASN B 50 -4.97 -5.92 52.76
C ASN B 50 -5.81 -4.99 51.89
N ALA B 51 -7.05 -5.36 51.57
CA ALA B 51 -7.84 -4.59 50.62
C ALA B 51 -8.20 -3.21 51.19
N LYS B 52 -8.14 -2.20 50.35
CA LYS B 52 -8.51 -0.83 50.69
C LYS B 52 -9.80 -0.50 49.96
N THR B 53 -10.88 -0.29 50.72
CA THR B 53 -12.19 -0.01 50.14
C THR B 53 -12.38 1.49 49.99
N LYS B 54 -12.66 1.94 48.77
CA LYS B 54 -12.92 3.34 48.50
C LYS B 54 -14.33 3.72 48.98
N PRO B 55 -14.55 5.00 49.30
CA PRO B 55 -15.89 5.41 49.75
C PRO B 55 -16.88 5.45 48.59
N ARG B 56 -18.16 5.33 48.96
CA ARG B 56 -19.23 5.31 47.96
C ARG B 56 -19.25 6.61 47.17
N GLU B 57 -19.66 6.51 45.90
CA GLU B 57 -19.66 7.64 44.98
C GLU B 57 -21.01 7.76 44.29
N GLU B 58 -21.57 8.97 44.28
CA GLU B 58 -22.75 9.27 43.49
C GLU B 58 -22.36 9.48 42.04
N GLN B 59 -23.35 9.30 41.14
CA GLN B 59 -23.07 9.23 39.71
C GLN B 59 -23.90 10.16 38.85
N TYR B 60 -25.00 10.73 39.39
CA TYR B 60 -25.96 11.50 38.60
C TYR B 60 -26.75 10.54 37.71
N ASN B 61 -26.45 9.25 37.80
CA ASN B 61 -27.28 8.22 37.19
C ASN B 61 -28.45 7.83 38.09
N SER B 62 -28.47 8.36 39.32
CA SER B 62 -29.36 7.94 40.42
C SER B 62 -28.98 6.56 40.93
N THR B 63 -27.72 6.39 41.34
CA THR B 63 -27.21 5.15 41.94
C THR B 63 -25.84 5.43 42.55
N TYR B 64 -25.26 4.41 43.16
CA TYR B 64 -23.96 4.48 43.81
C TYR B 64 -22.93 3.62 43.06
N ARG B 65 -21.67 3.78 43.45
CA ARG B 65 -20.57 2.97 42.93
C ARG B 65 -19.53 2.79 44.03
N VAL B 66 -19.20 1.53 44.33
CA VAL B 66 -18.23 1.19 45.36
C VAL B 66 -17.10 0.40 44.72
N VAL B 67 -15.87 0.84 44.93
CA VAL B 67 -14.69 0.15 44.44
C VAL B 67 -13.92 -0.41 45.64
N SER B 68 -13.07 -1.39 45.37
CA SER B 68 -12.26 -2.03 46.40
C SER B 68 -10.99 -2.57 45.75
N VAL B 69 -9.85 -1.96 46.09
CA VAL B 69 -8.58 -2.29 45.46
C VAL B 69 -7.79 -3.21 46.39
N LEU B 70 -7.24 -4.29 45.83
CA LEU B 70 -6.37 -5.20 46.56
C LEU B 70 -5.04 -5.32 45.82
N THR B 71 -3.97 -4.89 46.47
CA THR B 71 -2.64 -5.06 45.91
C THR B 71 -2.28 -6.55 45.87
N VAL B 72 -1.68 -6.96 44.76
CA VAL B 72 -1.27 -8.35 44.56
C VAL B 72 0.24 -8.38 44.42
N LEU B 73 0.83 -9.50 44.82
CA LEU B 73 2.25 -9.71 44.59
C LEU B 73 2.50 -10.15 43.16
N HIS B 74 3.58 -9.63 42.57
CA HIS B 74 3.88 -9.91 41.17
C HIS B 74 3.98 -11.41 40.91
N GLN B 75 4.69 -12.12 41.77
CA GLN B 75 4.89 -13.55 41.55
C GLN B 75 3.61 -14.35 41.83
N ASP B 76 2.72 -13.83 42.67
CA ASP B 76 1.46 -14.51 42.91
C ASP B 76 0.58 -14.47 41.67
N TRP B 77 0.41 -13.29 41.08
CA TRP B 77 -0.44 -13.15 39.89
C TRP B 77 0.12 -13.96 38.73
N LEU B 78 1.42 -13.84 38.47
CA LEU B 78 2.00 -14.51 37.31
C LEU B 78 1.96 -16.03 37.46
N ASN B 79 2.01 -16.55 38.69
CA ASN B 79 1.89 -17.98 38.92
C ASN B 79 0.45 -18.46 38.88
N GLY B 80 -0.47 -17.65 38.37
CA GLY B 80 -1.83 -18.09 38.15
C GLY B 80 -2.68 -18.27 39.38
N LYS B 81 -2.44 -17.47 40.42
CA LYS B 81 -3.26 -17.54 41.62
C LYS B 81 -4.63 -16.93 41.36
N GLU B 82 -5.67 -17.52 41.95
CA GLU B 82 -7.04 -17.08 41.76
C GLU B 82 -7.41 -16.06 42.83
N TYR B 83 -7.98 -14.93 42.40
CA TYR B 83 -8.38 -13.85 43.31
C TYR B 83 -9.89 -13.70 43.24
N LYS B 84 -10.55 -13.90 44.38
CA LYS B 84 -12.02 -13.87 44.46
C LYS B 84 -12.47 -12.67 45.27
N CYS B 85 -13.47 -11.96 44.75
CA CYS B 85 -14.08 -10.81 45.43
C CYS B 85 -15.52 -11.16 45.75
N LYS B 86 -15.84 -11.21 47.05
CA LYS B 86 -17.18 -11.53 47.51
C LYS B 86 -17.88 -10.24 47.93
N VAL B 87 -18.97 -9.91 47.25
CA VAL B 87 -19.73 -8.69 47.51
C VAL B 87 -21.05 -9.09 48.15
N SER B 88 -21.21 -8.75 49.43
CA SER B 88 -22.43 -9.01 50.17
C SER B 88 -23.18 -7.70 50.37
N ASN B 89 -24.48 -7.70 50.09
CA ASN B 89 -25.29 -6.50 50.19
C ASN B 89 -26.74 -6.89 50.40
N LYS B 90 -27.49 -6.01 51.05
CA LYS B 90 -28.88 -6.29 51.39
C LYS B 90 -29.80 -6.28 50.17
N ALA B 91 -29.39 -5.66 49.07
CA ALA B 91 -30.20 -5.63 47.85
C ALA B 91 -30.11 -6.93 47.05
N LEU B 92 -29.28 -7.88 47.48
CA LEU B 92 -29.05 -9.16 46.83
C LEU B 92 -29.58 -10.30 47.68
N PRO B 93 -30.22 -11.31 47.08
CA PRO B 93 -30.60 -12.50 47.85
C PRO B 93 -29.38 -13.30 48.29
N ALA B 94 -28.57 -13.74 47.32
CA ALA B 94 -27.31 -14.41 47.55
C ALA B 94 -26.14 -13.51 47.14
N PRO B 95 -25.07 -13.46 47.94
CA PRO B 95 -23.95 -12.57 47.61
C PRO B 95 -23.31 -12.94 46.27
N ILE B 96 -22.68 -11.95 45.66
CA ILE B 96 -22.07 -12.10 44.33
C ILE B 96 -20.58 -12.35 44.52
N GLU B 97 -20.06 -13.38 43.84
CA GLU B 97 -18.65 -13.71 43.86
C GLU B 97 -18.11 -13.69 42.44
N LYS B 98 -16.98 -13.01 42.25
CA LYS B 98 -16.32 -12.92 40.96
C LYS B 98 -14.86 -13.31 41.11
N THR B 99 -14.36 -14.12 40.17
CA THR B 99 -13.01 -14.65 40.23
C THR B 99 -12.28 -14.32 38.93
N ILE B 100 -11.04 -13.85 39.05
CA ILE B 100 -10.15 -13.65 37.92
C ILE B 100 -8.80 -14.27 38.26
N SER B 101 -7.98 -14.43 37.22
CA SER B 101 -6.63 -14.97 37.32
C SER B 101 -5.99 -14.86 35.95
N LYS B 102 -4.73 -15.27 35.86
CA LYS B 102 -4.03 -15.28 34.57
C LYS B 102 -4.67 -16.34 33.67
N ALA B 103 -4.18 -16.39 32.43
CA ALA B 103 -4.92 -17.07 31.36
C ALA B 103 -4.73 -18.59 31.34
N LYS B 104 -3.66 -19.11 31.96
CA LYS B 104 -3.37 -20.54 31.99
C LYS B 104 -2.99 -21.07 30.61
N GLY B 105 -1.83 -21.71 30.54
CA GLY B 105 -1.29 -22.19 29.29
C GLY B 105 0.21 -21.93 29.24
N GLN B 106 0.89 -22.67 28.38
CA GLN B 106 2.33 -22.55 28.26
C GLN B 106 2.71 -21.15 27.78
N PRO B 107 3.47 -20.38 28.56
CA PRO B 107 3.86 -19.04 28.10
C PRO B 107 4.85 -19.13 26.95
N ARG B 108 4.68 -18.25 25.98
CA ARG B 108 5.50 -18.19 24.78
C ARG B 108 6.04 -16.78 24.61
N GLU B 109 7.34 -16.68 24.27
CA GLU B 109 8.07 -15.43 24.17
C GLU B 109 7.64 -14.67 22.92
N PRO B 110 7.37 -13.37 23.05
CA PRO B 110 6.98 -12.58 21.88
C PRO B 110 8.14 -12.32 20.95
N GLN B 111 7.86 -12.42 19.65
CA GLN B 111 8.78 -11.96 18.62
C GLN B 111 8.44 -10.50 18.28
N VAL B 112 9.47 -9.67 18.17
CA VAL B 112 9.30 -8.23 17.98
C VAL B 112 10.02 -7.82 16.72
N TYR B 113 9.31 -7.19 15.79
CA TYR B 113 9.87 -6.74 14.53
C TYR B 113 9.36 -5.33 14.24
N THR B 114 10.28 -4.45 13.84
CA THR B 114 9.95 -3.08 13.48
C THR B 114 9.99 -2.95 11.96
N LEU B 115 8.94 -2.36 11.38
CA LEU B 115 8.82 -2.24 9.94
C LEU B 115 8.86 -0.77 9.54
N PRO B 116 9.75 -0.38 8.62
CA PRO B 116 9.79 1.01 8.15
C PRO B 116 8.53 1.38 7.39
N PRO B 117 8.33 2.65 7.08
CA PRO B 117 7.13 3.04 6.32
C PRO B 117 7.22 2.57 4.88
N SER B 118 6.05 2.33 4.30
CA SER B 118 5.96 1.98 2.89
C SER B 118 6.47 3.13 2.02
N ARG B 119 7.08 2.76 0.89
CA ARG B 119 7.55 3.79 -0.04
C ARG B 119 6.40 4.65 -0.53
N ASP B 120 5.20 4.08 -0.62
CA ASP B 120 4.02 4.82 -1.07
C ASP B 120 3.53 5.84 -0.06
N GLU B 121 4.03 5.81 1.18
CA GLU B 121 3.61 6.75 2.20
C GLU B 121 4.55 7.95 2.32
N LEU B 122 5.69 7.94 1.61
CA LEU B 122 6.57 9.10 1.58
C LEU B 122 5.88 10.33 0.98
N THR B 123 4.78 10.13 0.26
CA THR B 123 4.05 11.26 -0.29
C THR B 123 3.50 12.16 0.81
N LYS B 124 2.95 11.56 1.87
CA LYS B 124 2.34 12.31 2.95
C LYS B 124 3.40 13.05 3.76
N ASN B 125 2.95 13.94 4.63
CA ASN B 125 3.84 14.60 5.57
C ASN B 125 3.95 13.85 6.90
N GLN B 126 3.04 12.91 7.16
CA GLN B 126 3.13 12.02 8.30
C GLN B 126 3.36 10.60 7.81
N VAL B 127 4.19 9.86 8.55
CA VAL B 127 4.62 8.53 8.15
C VAL B 127 4.31 7.55 9.27
N SER B 128 3.99 6.32 8.89
CA SER B 128 3.59 5.27 9.82
C SER B 128 4.78 4.39 10.14
N LEU B 129 5.14 4.29 11.42
CA LEU B 129 6.12 3.34 11.90
C LEU B 129 5.38 2.19 12.58
N THR B 130 5.73 0.97 12.21
CA THR B 130 4.96 -0.21 12.57
C THR B 130 5.78 -1.14 13.46
N CYS B 131 5.19 -1.57 14.56
CA CYS B 131 5.77 -2.60 15.43
C CYS B 131 4.90 -3.85 15.37
N LEU B 132 5.48 -4.94 14.89
CA LEU B 132 4.81 -6.23 14.87
C LEU B 132 5.30 -7.04 16.05
N VAL B 133 4.38 -7.42 16.93
CA VAL B 133 4.67 -8.26 18.09
C VAL B 133 3.80 -9.51 17.96
N LYS B 134 4.43 -10.65 17.71
CA LYS B 134 3.69 -11.87 17.39
C LYS B 134 4.21 -13.05 18.19
N GLY B 135 3.35 -14.05 18.35
CA GLY B 135 3.74 -15.31 18.94
C GLY B 135 3.91 -15.30 20.44
N PHE B 136 3.11 -14.52 21.16
CA PHE B 136 3.22 -14.45 22.61
C PHE B 136 1.97 -15.01 23.28
N TYR B 137 2.18 -15.63 24.44
CA TYR B 137 1.09 -16.15 25.25
C TYR B 137 1.44 -15.97 26.73
N PRO B 138 0.46 -15.52 27.53
CA PRO B 138 -0.90 -15.14 27.13
C PRO B 138 -0.94 -13.76 26.48
N SER B 139 -2.14 -13.20 26.32
CA SER B 139 -2.29 -11.92 25.64
C SER B 139 -1.93 -10.72 26.50
N ASP B 140 -1.61 -10.92 27.79
CA ASP B 140 -1.24 -9.81 28.66
C ASP B 140 0.12 -9.27 28.23
N ILE B 141 0.14 -8.05 27.69
CA ILE B 141 1.35 -7.46 27.15
C ILE B 141 1.22 -5.94 27.23
N ALA B 142 2.36 -5.25 27.11
CA ALA B 142 2.41 -3.80 27.14
C ALA B 142 3.38 -3.31 26.09
N VAL B 143 2.96 -2.33 25.30
CA VAL B 143 3.74 -1.83 24.16
C VAL B 143 3.81 -0.31 24.24
N GLU B 144 5.02 0.23 24.17
CA GLU B 144 5.24 1.67 24.17
C GLU B 144 6.22 2.04 23.07
N TRP B 145 6.23 3.33 22.73
CA TRP B 145 7.17 3.88 21.77
C TRP B 145 8.00 4.97 22.43
N GLU B 146 9.25 5.10 21.99
CA GLU B 146 10.13 6.11 22.55
C GLU B 146 11.23 6.43 21.54
N SER B 147 11.69 7.68 21.58
CA SER B 147 12.75 8.14 20.70
C SER B 147 13.71 9.02 21.47
N ASN B 148 15.02 8.78 21.27
CA ASN B 148 16.07 9.59 21.89
C ASN B 148 15.89 9.68 23.41
N GLY B 149 15.42 8.59 24.01
CA GLY B 149 15.20 8.52 25.44
C GLY B 149 13.84 9.01 25.90
N GLN B 150 13.24 9.99 25.20
CA GLN B 150 11.95 10.48 25.64
C GLN B 150 10.82 9.68 25.01
N PRO B 151 9.68 9.56 25.69
CA PRO B 151 8.59 8.75 25.13
C PRO B 151 7.92 9.39 23.93
N GLU B 152 7.34 8.55 23.08
CA GLU B 152 6.59 8.97 21.91
C GLU B 152 5.13 8.61 22.13
N ASN B 153 4.25 9.61 22.04
CA ASN B 153 2.85 9.43 22.41
C ASN B 153 1.90 9.29 21.23
N ASN B 154 2.30 9.72 20.03
CA ASN B 154 1.41 9.70 18.87
C ASN B 154 1.35 8.30 18.25
N TYR B 155 0.97 7.32 19.05
CA TYR B 155 0.90 5.94 18.61
C TYR B 155 -0.42 5.31 19.01
N LYS B 156 -0.84 4.30 18.25
CA LYS B 156 -2.03 3.52 18.52
C LYS B 156 -1.69 2.04 18.38
N THR B 157 -2.27 1.21 19.25
CA THR B 157 -1.96 -0.20 19.30
C THR B 157 -3.24 -1.02 19.17
N THR B 158 -3.21 -2.01 18.28
CA THR B 158 -4.35 -2.88 18.11
C THR B 158 -4.47 -3.84 19.30
N PRO B 159 -5.68 -4.30 19.61
CA PRO B 159 -5.84 -5.32 20.64
C PRO B 159 -5.13 -6.60 20.23
N PRO B 160 -4.83 -7.49 21.18
CA PRO B 160 -4.21 -8.77 20.82
C PRO B 160 -5.18 -9.61 20.00
N VAL B 161 -4.69 -10.10 18.86
CA VAL B 161 -5.47 -10.97 17.98
C VAL B 161 -4.98 -12.39 18.16
N LEU B 162 -5.92 -13.31 18.36
CA LEU B 162 -5.57 -14.73 18.42
C LEU B 162 -5.07 -15.20 17.07
N ASP B 163 -3.88 -15.81 17.05
CA ASP B 163 -3.30 -16.33 15.83
C ASP B 163 -3.69 -17.79 15.65
N SER B 164 -3.33 -18.36 14.49
CA SER B 164 -3.77 -19.69 14.12
C SER B 164 -3.00 -20.80 14.83
N ASP B 165 -1.89 -20.48 15.50
CA ASP B 165 -1.11 -21.48 16.23
C ASP B 165 -1.33 -21.40 17.75
N GLY B 166 -2.37 -20.69 18.19
CA GLY B 166 -2.67 -20.57 19.60
C GLY B 166 -2.10 -19.35 20.28
N SER B 167 -1.03 -18.76 19.74
CA SER B 167 -0.44 -17.58 20.33
C SER B 167 -1.18 -16.33 19.86
N PHE B 168 -0.71 -15.17 20.30
CA PHE B 168 -1.33 -13.90 19.98
C PHE B 168 -0.34 -13.00 19.24
N PHE B 169 -0.88 -12.03 18.51
CA PHE B 169 -0.07 -11.01 17.87
C PHE B 169 -0.82 -9.69 17.90
N LEU B 170 -0.07 -8.61 17.71
CA LEU B 170 -0.66 -7.28 17.61
C LEU B 170 0.29 -6.36 16.87
N TYR B 171 -0.24 -5.24 16.40
CA TYR B 171 0.54 -4.22 15.72
C TYR B 171 0.39 -2.89 16.44
N SER B 172 1.50 -2.14 16.51
CA SER B 172 1.50 -0.80 17.08
C SER B 172 2.00 0.18 16.02
N LYS B 173 1.22 1.23 15.78
CA LYS B 173 1.50 2.20 14.73
C LYS B 173 1.86 3.54 15.37
N LEU B 174 3.11 3.96 15.22
CA LEU B 174 3.58 5.26 15.69
C LEU B 174 3.62 6.22 14.50
N THR B 175 2.82 7.29 14.58
CA THR B 175 2.80 8.31 13.55
C THR B 175 3.82 9.40 13.87
N VAL B 176 4.68 9.71 12.91
CA VAL B 176 5.73 10.71 13.08
C VAL B 176 5.75 11.62 11.85
N ASP B 177 6.34 12.80 12.02
CA ASP B 177 6.53 13.71 10.91
C ASP B 177 7.51 13.10 9.91
N LYS B 178 7.24 13.30 8.61
CA LYS B 178 8.10 12.73 7.59
C LYS B 178 9.53 13.24 7.72
N SER B 179 9.69 14.54 7.99
CA SER B 179 11.03 15.12 8.11
C SER B 179 11.78 14.49 9.28
N ARG B 180 11.10 14.21 10.38
CA ARG B 180 11.74 13.52 11.49
C ARG B 180 12.26 12.16 11.08
N TRP B 181 11.52 11.46 10.20
CA TRP B 181 11.95 10.15 9.76
C TRP B 181 13.21 10.25 8.90
N GLN B 182 13.21 11.16 7.92
CA GLN B 182 14.33 11.23 6.99
C GLN B 182 15.51 12.03 7.52
N GLN B 183 15.39 12.67 8.69
CA GLN B 183 16.54 13.30 9.32
C GLN B 183 17.44 12.30 10.05
N GLY B 184 17.05 11.03 10.11
CA GLY B 184 17.85 10.01 10.75
C GLY B 184 17.49 9.70 12.19
N ASN B 185 16.43 10.31 12.73
CA ASN B 185 16.05 10.07 14.12
C ASN B 185 15.65 8.63 14.34
N VAL B 186 16.18 8.03 15.41
CA VAL B 186 15.94 6.64 15.73
C VAL B 186 14.73 6.53 16.64
N PHE B 187 13.79 5.67 16.26
CA PHE B 187 12.61 5.38 17.05
C PHE B 187 12.65 3.94 17.52
N SER B 188 12.07 3.69 18.68
CA SER B 188 12.18 2.38 19.32
C SER B 188 10.81 1.89 19.80
N CYS B 189 10.60 0.60 19.67
CA CYS B 189 9.40 -0.07 20.16
C CYS B 189 9.83 -0.98 21.31
N SER B 190 9.30 -0.72 22.50
CA SER B 190 9.65 -1.48 23.69
C SER B 190 8.45 -2.29 24.13
N VAL B 191 8.67 -3.58 24.39
CA VAL B 191 7.63 -4.54 24.71
C VAL B 191 7.91 -5.14 26.07
N MET B 192 6.86 -5.32 26.87
CA MET B 192 6.97 -5.95 28.17
C MET B 192 6.04 -7.16 28.22
N HIS B 193 6.61 -8.34 28.47
CA HIS B 193 5.85 -9.57 28.52
C HIS B 193 6.55 -10.53 29.48
N GLU B 194 5.76 -11.43 30.08
CA GLU B 194 6.32 -12.29 31.11
C GLU B 194 7.31 -13.30 30.55
N ALA B 195 7.10 -13.79 29.34
CA ALA B 195 7.97 -14.79 28.76
C ALA B 195 9.28 -14.21 28.24
N LEU B 196 9.50 -12.91 28.39
CA LEU B 196 10.76 -12.29 28.02
C LEU B 196 11.70 -12.30 29.22
N HIS B 197 13.00 -12.46 28.94
CA HIS B 197 13.98 -12.25 29.99
C HIS B 197 13.92 -10.83 30.48
N ASN B 198 13.95 -10.64 31.80
CA ASN B 198 13.80 -9.34 32.44
C ASN B 198 12.45 -8.69 32.13
N HIS B 199 11.52 -9.45 31.54
CA HIS B 199 10.19 -8.98 31.19
C HIS B 199 10.21 -7.77 30.24
N TYR B 200 11.28 -7.59 29.47
CA TYR B 200 11.45 -6.40 28.66
C TYR B 200 12.29 -6.71 27.43
N THR B 201 11.92 -6.10 26.30
CA THR B 201 12.73 -6.11 25.10
C THR B 201 12.41 -4.87 24.30
N GLN B 202 13.31 -4.52 23.38
CA GLN B 202 13.15 -3.31 22.59
C GLN B 202 13.82 -3.47 21.24
N LYS B 203 13.12 -3.10 20.17
CA LYS B 203 13.66 -3.07 18.82
C LYS B 203 13.57 -1.65 18.28
N SER B 204 14.61 -1.23 17.59
CA SER B 204 14.72 0.14 17.09
C SER B 204 14.64 0.17 15.58
N LEU B 205 14.58 1.39 15.04
CA LEU B 205 14.25 1.59 13.63
C LEU B 205 14.67 3.00 13.23
N SER B 206 15.23 3.13 12.03
CA SER B 206 15.64 4.43 11.52
C SER B 206 15.74 4.34 10.00
N LEU B 207 15.98 5.49 9.38
CA LEU B 207 16.00 5.57 7.92
C LEU B 207 17.18 4.83 7.34
N SER B 208 16.95 4.15 6.23
CA SER B 208 18.00 3.49 5.45
C SER B 208 17.95 3.95 3.99
N GLU C 2 0.91 5.39 -8.01
CA GLU C 2 0.16 4.65 -9.01
C GLU C 2 1.07 3.71 -9.80
N ILE C 3 0.45 2.77 -10.51
CA ILE C 3 1.18 1.77 -11.28
C ILE C 3 1.38 2.29 -12.69
N VAL C 4 2.61 2.17 -13.20
CA VAL C 4 2.97 2.66 -14.54
C VAL C 4 3.26 1.47 -15.43
N LEU C 5 2.50 1.36 -16.52
CA LEU C 5 2.73 0.33 -17.53
C LEU C 5 3.53 0.93 -18.67
N THR C 6 4.63 0.28 -19.02
CA THR C 6 5.53 0.72 -20.08
C THR C 6 5.50 -0.30 -21.20
N GLN C 7 5.06 0.11 -22.39
CA GLN C 7 4.95 -0.80 -23.52
C GLN C 7 6.14 -0.62 -24.46
N SER C 8 6.60 -1.75 -25.00
CA SER C 8 7.70 -1.77 -25.98
C SER C 8 7.36 -2.71 -27.13
N PRO C 9 7.74 -2.33 -28.36
CA PRO C 9 8.34 -1.03 -28.68
C PRO C 9 7.27 0.02 -29.00
N GLY C 10 7.69 1.20 -29.45
CA GLY C 10 6.71 2.20 -29.84
C GLY C 10 6.00 1.84 -31.14
N THR C 11 6.77 1.48 -32.16
CA THR C 11 6.21 1.03 -33.43
C THR C 11 6.86 -0.31 -33.80
N LEU C 12 6.04 -1.22 -34.32
CA LEU C 12 6.49 -2.54 -34.74
C LEU C 12 6.12 -2.72 -36.21
N SER C 13 7.12 -2.97 -37.05
CA SER C 13 6.93 -3.08 -38.50
C SER C 13 7.12 -4.53 -38.92
N LEU C 14 6.02 -5.21 -39.23
CA LEU C 14 6.04 -6.61 -39.63
C LEU C 14 5.15 -6.79 -40.85
N SER C 15 5.39 -7.91 -41.56
CA SER C 15 4.59 -8.24 -42.73
C SER C 15 3.43 -9.16 -42.35
N PRO C 16 2.32 -9.09 -43.08
CA PRO C 16 1.23 -10.06 -42.86
C PRO C 16 1.75 -11.49 -42.94
N GLY C 17 1.40 -12.28 -41.93
CA GLY C 17 1.84 -13.65 -41.83
C GLY C 17 2.97 -13.89 -40.85
N GLU C 18 3.72 -12.86 -40.48
CA GLU C 18 4.80 -13.01 -39.51
C GLU C 18 4.25 -13.01 -38.09
N ARG C 19 5.12 -13.34 -37.14
CA ARG C 19 4.76 -13.36 -35.73
C ARG C 19 5.06 -12.02 -35.07
N ALA C 20 4.20 -11.63 -34.13
CA ALA C 20 4.33 -10.36 -33.42
C ALA C 20 4.39 -10.60 -31.92
N THR C 21 5.27 -9.87 -31.24
CA THR C 21 5.36 -9.88 -29.78
C THR C 21 5.35 -8.45 -29.28
N LEU C 22 4.52 -8.18 -28.28
CA LEU C 22 4.38 -6.86 -27.69
C LEU C 22 4.55 -6.98 -26.18
N SER C 23 5.40 -6.16 -25.60
CA SER C 23 5.74 -6.25 -24.19
C SER C 23 5.06 -5.14 -23.39
N CYS C 24 4.82 -5.42 -22.12
CA CYS C 24 4.17 -4.48 -21.19
C CYS C 24 4.84 -4.67 -19.83
N ARG C 25 5.78 -3.80 -19.52
CA ARG C 25 6.49 -3.87 -18.25
C ARG C 25 5.78 -3.02 -17.21
N ALA C 26 5.53 -3.60 -16.04
CA ALA C 26 4.92 -2.87 -14.95
C ALA C 26 5.99 -2.26 -14.06
N SER C 27 5.68 -1.10 -13.48
CA SER C 27 6.65 -0.43 -12.61
C SER C 27 6.86 -1.20 -11.31
N GLN C 28 5.84 -1.94 -10.87
CA GLN C 28 5.95 -2.82 -9.72
C GLN C 28 5.18 -4.11 -10.01
N SER C 29 5.47 -5.14 -9.22
CA SER C 29 4.77 -6.40 -9.38
C SER C 29 3.27 -6.23 -9.15
N ILE C 30 2.49 -6.89 -9.99
CA ILE C 30 1.04 -6.85 -9.91
C ILE C 30 0.49 -8.26 -10.12
N SER C 31 -0.71 -8.48 -9.61
CA SER C 31 -1.40 -9.75 -9.86
C SER C 31 -1.70 -9.88 -11.34
N SER C 32 -1.37 -11.04 -11.91
CA SER C 32 -1.65 -11.29 -13.31
C SER C 32 -3.13 -11.47 -13.59
N SER C 33 -3.96 -11.61 -12.56
CA SER C 33 -5.39 -11.80 -12.78
C SER C 33 -6.09 -10.54 -13.28
N TYR C 34 -5.43 -9.39 -13.26
CA TYR C 34 -6.08 -8.13 -13.59
C TYR C 34 -5.27 -7.35 -14.60
N LEU C 35 -4.65 -8.04 -15.55
CA LEU C 35 -3.99 -7.41 -16.67
C LEU C 35 -4.76 -7.70 -17.95
N ALA C 36 -5.12 -6.66 -18.68
CA ALA C 36 -5.89 -6.78 -19.90
C ALA C 36 -5.11 -6.20 -21.08
N TRP C 37 -5.47 -6.67 -22.27
CA TRP C 37 -4.93 -6.15 -23.52
C TRP C 37 -6.08 -5.68 -24.39
N TYR C 38 -5.91 -4.50 -24.99
CA TYR C 38 -6.92 -3.93 -25.87
C TYR C 38 -6.30 -3.61 -27.23
N GLN C 39 -7.16 -3.56 -28.24
CA GLN C 39 -6.80 -3.12 -29.58
C GLN C 39 -7.68 -1.94 -29.95
N GLN C 40 -7.10 -0.97 -30.64
CA GLN C 40 -7.82 0.21 -31.07
C GLN C 40 -7.43 0.54 -32.49
N ARG C 41 -8.41 0.58 -33.38
CA ARG C 41 -8.25 1.07 -34.73
C ARG C 41 -8.55 2.56 -34.79
N PRO C 42 -8.02 3.28 -35.77
CA PRO C 42 -8.27 4.72 -35.86
C PRO C 42 -9.76 5.02 -35.92
N GLY C 43 -10.18 6.04 -35.18
CA GLY C 43 -11.57 6.43 -35.18
C GLY C 43 -12.52 5.43 -34.55
N GLN C 44 -12.02 4.53 -33.72
CA GLN C 44 -12.85 3.54 -33.05
C GLN C 44 -12.44 3.42 -31.60
N ALA C 45 -13.35 2.88 -30.79
CA ALA C 45 -13.09 2.66 -29.39
C ALA C 45 -12.27 1.39 -29.20
N PRO C 46 -11.56 1.27 -28.08
CA PRO C 46 -10.78 0.05 -27.84
C PRO C 46 -11.67 -1.18 -27.77
N ARG C 47 -11.16 -2.29 -28.28
CA ARG C 47 -11.82 -3.59 -28.19
C ARG C 47 -10.99 -4.49 -27.27
N LEU C 48 -11.66 -5.17 -26.35
CA LEU C 48 -10.96 -6.05 -25.43
C LEU C 48 -10.49 -7.31 -26.14
N LEU C 49 -9.18 -7.56 -26.09
CA LEU C 49 -8.61 -8.79 -26.64
C LEU C 49 -8.47 -9.87 -25.57
N ILE C 50 -7.73 -9.57 -24.50
CA ILE C 50 -7.32 -10.55 -23.51
C ILE C 50 -7.46 -9.94 -22.13
N TYR C 51 -7.93 -10.74 -21.17
CA TYR C 51 -7.99 -10.34 -19.77
C TYR C 51 -7.38 -11.44 -18.91
N GLY C 52 -7.12 -11.11 -17.66
CA GLY C 52 -6.44 -12.04 -16.78
C GLY C 52 -5.07 -12.42 -17.25
N ALA C 53 -4.39 -11.52 -17.97
CA ALA C 53 -3.06 -11.71 -18.54
C ALA C 53 -3.02 -12.74 -19.66
N SER C 54 -3.89 -13.75 -19.63
CA SER C 54 -3.79 -14.84 -20.60
C SER C 54 -5.12 -15.35 -21.13
N THR C 55 -6.24 -15.07 -20.48
CA THR C 55 -7.53 -15.56 -20.96
C THR C 55 -8.01 -14.73 -22.14
N ARG C 56 -8.41 -15.40 -23.20
CA ARG C 56 -8.85 -14.73 -24.43
C ARG C 56 -10.34 -14.39 -24.31
N ALA C 57 -10.68 -13.17 -24.70
CA ALA C 57 -12.08 -12.76 -24.66
C ALA C 57 -12.90 -13.58 -25.66
N THR C 58 -14.20 -13.64 -25.42
CA THR C 58 -15.09 -14.40 -26.28
C THR C 58 -15.08 -13.82 -27.70
N GLY C 59 -14.97 -14.71 -28.68
CA GLY C 59 -14.97 -14.29 -30.07
C GLY C 59 -13.70 -13.62 -30.53
N ILE C 60 -12.56 -13.95 -29.93
CA ILE C 60 -11.26 -13.43 -30.32
C ILE C 60 -10.48 -14.55 -30.97
N PRO C 61 -9.93 -14.35 -32.18
CA PRO C 61 -9.23 -15.43 -32.87
C PRO C 61 -8.12 -16.05 -32.02
N ASP C 62 -7.90 -17.35 -32.23
CA ASP C 62 -6.93 -18.09 -31.43
C ASP C 62 -5.49 -17.64 -31.65
N ARG C 63 -5.21 -16.89 -32.73
CA ARG C 63 -3.85 -16.40 -32.95
C ARG C 63 -3.42 -15.37 -31.91
N PHE C 64 -4.36 -14.74 -31.21
CA PHE C 64 -4.03 -13.85 -30.11
C PHE C 64 -3.85 -14.67 -28.83
N SER C 65 -2.69 -14.53 -28.20
CA SER C 65 -2.44 -15.17 -26.91
C SER C 65 -1.69 -14.20 -26.00
N GLY C 66 -1.92 -14.34 -24.70
CA GLY C 66 -1.26 -13.51 -23.72
C GLY C 66 -0.61 -14.36 -22.65
N SER C 67 0.45 -13.81 -22.06
CA SER C 67 1.17 -14.51 -21.00
C SER C 67 1.97 -13.50 -20.20
N GLY C 68 2.57 -13.98 -19.11
CA GLY C 68 3.41 -13.18 -18.26
C GLY C 68 2.92 -13.16 -16.83
N SER C 69 3.76 -12.60 -15.96
CA SER C 69 3.46 -12.45 -14.54
C SER C 69 4.50 -11.51 -13.93
N GLY C 70 4.22 -11.06 -12.71
CA GLY C 70 5.12 -10.19 -12.01
C GLY C 70 5.11 -8.78 -12.54
N THR C 71 6.12 -8.43 -13.33
CA THR C 71 6.21 -7.12 -13.98
C THR C 71 6.33 -7.23 -15.50
N ASP C 72 6.24 -8.43 -16.06
CA ASP C 72 6.52 -8.64 -17.47
C ASP C 72 5.37 -9.39 -18.12
N PHE C 73 4.65 -8.72 -19.01
CA PHE C 73 3.52 -9.32 -19.70
C PHE C 73 3.70 -9.16 -21.20
N THR C 74 3.19 -10.13 -21.95
CA THR C 74 3.42 -10.20 -23.38
C THR C 74 2.13 -10.59 -24.11
N LEU C 75 1.87 -9.88 -25.21
CA LEU C 75 0.80 -10.23 -26.13
C LEU C 75 1.44 -10.66 -27.44
N THR C 76 1.19 -11.90 -27.85
CA THR C 76 1.76 -12.43 -29.09
C THR C 76 0.65 -12.74 -30.07
N ILE C 77 0.84 -12.31 -31.32
CA ILE C 77 0.00 -12.70 -32.44
C ILE C 77 0.84 -13.66 -33.27
N SER C 78 0.41 -14.92 -33.32
CA SER C 78 1.21 -15.96 -33.97
C SER C 78 1.41 -15.66 -35.45
N ARG C 79 0.35 -15.25 -36.14
CA ARG C 79 0.41 -15.04 -37.59
C ARG C 79 -0.48 -13.83 -37.91
N LEU C 80 0.15 -12.73 -38.30
CA LEU C 80 -0.55 -11.47 -38.44
C LEU C 80 -1.51 -11.49 -39.62
N GLU C 81 -2.75 -11.10 -39.38
CA GLU C 81 -3.73 -10.82 -40.42
C GLU C 81 -3.73 -9.33 -40.74
N PRO C 82 -4.22 -8.94 -41.92
CA PRO C 82 -4.20 -7.50 -42.26
C PRO C 82 -4.98 -6.62 -41.30
N GLU C 83 -6.08 -7.09 -40.72
CA GLU C 83 -6.82 -6.27 -39.77
C GLU C 83 -6.20 -6.28 -38.39
N ASP C 84 -5.06 -6.92 -38.20
CA ASP C 84 -4.34 -6.92 -36.94
C ASP C 84 -3.40 -5.73 -36.79
N PHE C 85 -3.28 -4.90 -37.83
CA PHE C 85 -2.36 -3.77 -37.80
C PHE C 85 -3.10 -2.55 -37.25
N ALA C 86 -3.00 -2.39 -35.93
CA ALA C 86 -3.59 -1.25 -35.23
C ALA C 86 -2.64 -0.89 -34.08
N VAL C 87 -3.16 -0.25 -33.03
CA VAL C 87 -2.39 0.05 -31.83
C VAL C 87 -2.96 -0.77 -30.69
N TYR C 88 -2.08 -1.26 -29.81
CA TYR C 88 -2.45 -2.17 -28.74
C TYR C 88 -2.11 -1.56 -27.38
N TYR C 89 -3.03 -1.70 -26.43
CA TYR C 89 -2.86 -1.20 -25.07
C TYR C 89 -2.92 -2.33 -24.06
N CYS C 90 -2.03 -2.30 -23.08
CA CYS C 90 -2.19 -3.11 -21.89
C CYS C 90 -2.77 -2.24 -20.77
N GLN C 91 -3.48 -2.88 -19.85
CA GLN C 91 -4.18 -2.14 -18.80
C GLN C 91 -4.32 -3.00 -17.56
N GLN C 92 -3.92 -2.46 -16.41
CA GLN C 92 -4.20 -3.10 -15.14
C GLN C 92 -5.51 -2.56 -14.58
N TYR C 93 -6.24 -3.43 -13.88
CA TYR C 93 -7.51 -3.02 -13.26
C TYR C 93 -7.64 -3.61 -11.86
N GLY C 94 -6.51 -3.88 -11.21
CA GLY C 94 -6.53 -4.44 -9.87
C GLY C 94 -6.57 -3.39 -8.78
N SER C 95 -6.16 -2.16 -9.10
CA SER C 95 -6.15 -1.09 -8.12
C SER C 95 -6.38 0.24 -8.82
N SER C 96 -7.24 1.06 -8.22
CA SER C 96 -7.50 2.40 -8.72
C SER C 96 -6.31 3.31 -8.44
N PRO C 97 -5.96 4.17 -9.41
CA PRO C 97 -6.62 4.30 -10.72
C PRO C 97 -6.22 3.19 -11.68
N TYR C 98 -7.13 2.84 -12.58
CA TYR C 98 -6.76 1.93 -13.66
C TYR C 98 -5.84 2.67 -14.63
N THR C 99 -4.82 1.98 -15.12
CA THR C 99 -3.79 2.62 -15.93
C THR C 99 -3.53 1.83 -17.21
N PHE C 100 -3.18 2.56 -18.26
CA PHE C 100 -2.86 2.01 -19.56
C PHE C 100 -1.42 2.33 -19.93
N GLY C 101 -0.79 1.45 -20.69
CA GLY C 101 0.50 1.75 -21.26
C GLY C 101 0.39 2.79 -22.35
N GLN C 102 1.54 3.20 -22.88
CA GLN C 102 1.54 4.21 -23.93
C GLN C 102 0.90 3.72 -25.22
N GLY C 103 0.86 2.41 -25.42
CA GLY C 103 0.38 1.82 -26.65
C GLY C 103 1.52 1.46 -27.57
N THR C 104 1.33 0.40 -28.36
CA THR C 104 2.28 0.01 -29.38
C THR C 104 1.54 -0.07 -30.70
N LYS C 105 2.12 0.54 -31.74
CA LYS C 105 1.52 0.54 -33.06
C LYS C 105 2.17 -0.54 -33.94
N LEU C 106 1.34 -1.37 -34.56
CA LEU C 106 1.79 -2.34 -35.56
C LEU C 106 1.51 -1.77 -36.94
N GLU C 107 2.54 -1.62 -37.75
CA GLU C 107 2.39 -1.14 -39.11
C GLU C 107 2.90 -2.19 -40.09
N ILE C 108 2.39 -2.12 -41.32
CA ILE C 108 2.75 -3.09 -42.35
C ILE C 108 4.13 -2.78 -42.88
N LYS C 109 5.03 -3.76 -42.83
CA LYS C 109 6.33 -3.65 -43.46
C LYS C 109 6.21 -4.05 -44.92
N ARG C 110 6.59 -3.14 -45.82
CA ARG C 110 6.58 -3.46 -47.24
C ARG C 110 7.93 -3.13 -47.83
N THR C 111 8.05 -3.25 -49.15
CA THR C 111 9.28 -2.85 -49.81
C THR C 111 9.39 -1.34 -49.82
N VAL C 112 10.62 -0.85 -50.00
CA VAL C 112 10.86 0.58 -50.04
C VAL C 112 10.24 1.18 -51.30
N ALA C 113 9.55 2.32 -51.14
CA ALA C 113 8.96 3.05 -52.25
C ALA C 113 9.31 4.52 -52.10
N ALA C 114 10.06 5.05 -53.07
CA ALA C 114 10.41 6.45 -53.05
C ALA C 114 9.16 7.31 -53.30
N PRO C 115 9.13 8.53 -52.78
CA PRO C 115 7.98 9.40 -53.00
C PRO C 115 8.05 10.18 -54.30
N SER C 116 6.87 10.41 -54.88
CA SER C 116 6.72 11.45 -55.87
C SER C 116 6.61 12.79 -55.14
N VAL C 117 7.34 13.79 -55.63
CA VAL C 117 7.41 15.09 -54.96
C VAL C 117 6.80 16.13 -55.88
N PHE C 118 5.85 16.89 -55.34
CA PHE C 118 5.21 17.99 -56.07
C PHE C 118 5.21 19.23 -55.19
N ILE C 119 5.40 20.39 -55.82
CA ILE C 119 5.36 21.68 -55.13
C ILE C 119 4.25 22.52 -55.75
N PHE C 120 3.55 23.28 -54.91
CA PHE C 120 2.46 24.14 -55.35
C PHE C 120 2.72 25.58 -54.94
N PRO C 121 2.86 26.50 -55.88
CA PRO C 121 2.98 27.92 -55.51
C PRO C 121 1.68 28.44 -54.94
N PRO C 122 1.70 29.54 -54.19
CA PRO C 122 0.46 30.11 -53.67
C PRO C 122 -0.46 30.56 -54.79
N SER C 123 -1.75 30.60 -54.49
CA SER C 123 -2.74 31.09 -55.42
C SER C 123 -2.94 32.60 -55.25
N ASP C 124 -3.28 33.26 -56.36
CA ASP C 124 -3.44 34.71 -56.33
C ASP C 124 -4.57 35.14 -55.40
N GLU C 125 -5.62 34.32 -55.29
CA GLU C 125 -6.72 34.66 -54.40
C GLU C 125 -6.29 34.66 -52.94
N GLN C 126 -5.27 33.88 -52.59
CA GLN C 126 -4.81 33.86 -51.20
C GLN C 126 -3.94 35.07 -50.88
N LEU C 127 -3.14 35.53 -51.84
CA LEU C 127 -2.24 36.65 -51.60
C LEU C 127 -2.97 37.94 -51.29
N LYS C 128 -4.29 38.01 -51.52
CA LYS C 128 -5.05 39.19 -51.13
C LYS C 128 -5.21 39.26 -49.62
N SER C 129 -5.20 38.12 -48.93
CA SER C 129 -5.37 38.11 -47.48
C SER C 129 -4.09 38.52 -46.73
N GLY C 130 -2.93 38.48 -47.40
CA GLY C 130 -1.67 38.84 -46.78
C GLY C 130 -0.81 37.67 -46.38
N THR C 131 -1.21 36.44 -46.69
CA THR C 131 -0.45 35.24 -46.32
C THR C 131 -0.25 34.39 -47.57
N ALA C 132 0.92 33.78 -47.68
CA ALA C 132 1.28 32.91 -48.80
C ALA C 132 1.65 31.53 -48.27
N SER C 133 0.94 30.50 -48.72
CA SER C 133 1.20 29.12 -48.33
C SER C 133 1.76 28.35 -49.51
N VAL C 134 2.95 27.79 -49.34
CA VAL C 134 3.59 26.95 -50.34
C VAL C 134 3.50 25.51 -49.86
N VAL C 135 2.82 24.67 -50.64
CA VAL C 135 2.53 23.30 -50.25
C VAL C 135 3.46 22.36 -51.01
N CYS C 136 4.00 21.37 -50.31
CA CYS C 136 4.85 20.36 -50.89
C CYS C 136 4.27 18.99 -50.59
N LEU C 137 4.01 18.22 -51.63
CA LEU C 137 3.36 16.91 -51.51
C LEU C 137 4.38 15.81 -51.71
N LEU C 138 4.51 14.94 -50.72
CA LEU C 138 5.20 13.67 -50.85
C LEU C 138 4.13 12.59 -50.96
N ASN C 139 4.17 11.81 -52.04
CA ASN C 139 3.07 10.93 -52.39
C ASN C 139 3.52 9.47 -52.42
N ASN C 140 2.80 8.63 -51.68
CA ASN C 140 2.89 7.17 -51.75
C ASN C 140 4.33 6.67 -51.58
N PHE C 141 4.80 6.73 -50.34
CA PHE C 141 6.16 6.32 -50.02
C PHE C 141 6.17 5.40 -48.80
N TYR C 142 7.23 4.59 -48.73
CA TYR C 142 7.52 3.76 -47.57
C TYR C 142 9.03 3.61 -47.45
N PRO C 143 9.57 3.62 -46.21
CA PRO C 143 8.89 3.79 -44.93
C PRO C 143 8.44 5.21 -44.65
N ARG C 144 7.83 5.42 -43.48
CA ARG C 144 7.26 6.72 -43.15
C ARG C 144 8.33 7.78 -42.97
N GLU C 145 9.48 7.41 -42.41
CA GLU C 145 10.50 8.40 -42.06
C GLU C 145 11.03 9.10 -43.31
N ALA C 146 10.97 10.42 -43.31
CA ALA C 146 11.48 11.23 -44.41
C ALA C 146 11.82 12.61 -43.88
N LYS C 147 12.67 13.32 -44.63
CA LYS C 147 13.13 14.65 -44.27
C LYS C 147 12.73 15.62 -45.36
N VAL C 148 11.90 16.61 -45.01
CA VAL C 148 11.41 17.61 -45.94
C VAL C 148 11.93 18.96 -45.46
N GLN C 149 12.86 19.55 -46.22
CA GLN C 149 13.41 20.86 -45.93
C GLN C 149 12.95 21.86 -46.97
N TRP C 150 12.60 23.07 -46.51
CA TRP C 150 12.22 24.16 -47.38
C TRP C 150 13.40 25.10 -47.60
N LYS C 151 13.57 25.54 -48.85
CA LYS C 151 14.62 26.48 -49.21
C LYS C 151 14.00 27.67 -49.95
N VAL C 152 14.28 28.87 -49.47
CA VAL C 152 13.82 30.10 -50.08
C VAL C 152 15.04 30.91 -50.48
N ASP C 153 15.18 31.17 -51.78
CA ASP C 153 16.43 31.68 -52.35
C ASP C 153 17.61 30.83 -51.90
N ASN C 154 17.41 29.51 -51.94
CA ASN C 154 18.41 28.52 -51.56
C ASN C 154 18.86 28.69 -50.10
N ALA C 155 18.01 29.25 -49.25
CA ALA C 155 18.29 29.40 -47.83
C ALA C 155 17.35 28.51 -47.03
N LEU C 156 17.91 27.75 -46.09
CA LEU C 156 17.12 26.83 -45.29
C LEU C 156 16.17 27.59 -44.36
N GLN C 157 14.94 27.12 -44.29
CA GLN C 157 13.88 27.75 -43.51
C GLN C 157 13.66 27.01 -42.19
N SER C 158 13.18 27.74 -41.19
CA SER C 158 12.87 27.17 -39.88
C SER C 158 11.72 27.94 -39.25
N GLY C 159 10.89 27.23 -38.50
CA GLY C 159 9.83 27.85 -37.74
C GLY C 159 8.60 28.27 -38.53
N ASN C 160 8.54 27.97 -39.83
CA ASN C 160 7.41 28.38 -40.66
C ASN C 160 6.87 27.25 -41.53
N SER C 161 7.05 26.00 -41.13
CA SER C 161 6.56 24.86 -41.89
C SER C 161 5.80 23.89 -40.99
N GLN C 162 4.70 23.36 -41.51
CA GLN C 162 3.90 22.37 -40.78
C GLN C 162 3.70 21.15 -41.66
N GLU C 163 3.98 19.97 -41.11
CA GLU C 163 3.80 18.70 -41.79
C GLU C 163 2.48 18.06 -41.40
N SER C 164 2.14 16.98 -42.13
CA SER C 164 0.97 16.16 -41.85
C SER C 164 1.08 14.87 -42.64
N VAL C 165 0.98 13.73 -41.97
CA VAL C 165 1.14 12.42 -42.60
C VAL C 165 -0.22 11.74 -42.63
N THR C 166 -0.56 11.18 -43.80
CA THR C 166 -1.79 10.42 -43.93
C THR C 166 -1.62 9.04 -43.28
N GLU C 167 -2.76 8.37 -43.07
CA GLU C 167 -2.71 7.01 -42.56
C GLU C 167 -2.16 6.06 -43.61
N GLN C 168 -1.56 4.97 -43.14
CA GLN C 168 -1.02 3.96 -44.05
C GLN C 168 -2.12 3.42 -44.95
N ASP C 169 -1.91 3.53 -46.26
CA ASP C 169 -2.94 3.18 -47.23
C ASP C 169 -3.25 1.69 -47.17
N SER C 170 -4.54 1.36 -47.00
CA SER C 170 -4.93 -0.04 -46.87
C SER C 170 -4.69 -0.83 -48.15
N LYS C 171 -4.50 -0.16 -49.29
CA LYS C 171 -4.30 -0.87 -50.55
C LYS C 171 -2.83 -1.20 -50.79
N ASP C 172 -1.95 -0.19 -50.78
CA ASP C 172 -0.54 -0.40 -51.09
C ASP C 172 0.41 -0.18 -49.92
N SER C 173 -0.10 0.10 -48.73
CA SER C 173 0.68 0.17 -47.48
C SER C 173 1.69 1.31 -47.47
N THR C 174 1.41 2.39 -48.21
CA THR C 174 2.31 3.53 -48.29
C THR C 174 1.76 4.69 -47.47
N TYR C 175 2.60 5.73 -47.34
CA TYR C 175 2.23 6.97 -46.68
C TYR C 175 2.34 8.13 -47.67
N SER C 176 1.65 9.21 -47.34
CA SER C 176 1.76 10.47 -48.07
C SER C 176 1.93 11.60 -47.06
N LEU C 177 2.77 12.57 -47.41
CA LEU C 177 3.10 13.66 -46.51
C LEU C 177 2.83 15.00 -47.17
N SER C 178 2.25 15.92 -46.41
CA SER C 178 1.99 17.28 -46.84
C SER C 178 2.80 18.22 -45.97
N SER C 179 3.54 19.13 -46.60
CA SER C 179 4.31 20.14 -45.89
C SER C 179 3.94 21.52 -46.42
N THR C 180 3.53 22.41 -45.52
CA THR C 180 3.06 23.74 -45.90
C THR C 180 3.99 24.78 -45.31
N LEU C 181 4.59 25.60 -46.18
CA LEU C 181 5.41 26.73 -45.77
C LEU C 181 4.54 27.99 -45.80
N THR C 182 4.26 28.54 -44.62
CA THR C 182 3.43 29.73 -44.50
C THR C 182 4.32 30.95 -44.27
N LEU C 183 4.31 31.87 -45.23
CA LEU C 183 5.00 33.15 -45.15
C LEU C 183 3.97 34.27 -45.22
N SER C 184 4.45 35.50 -45.16
CA SER C 184 3.62 36.67 -45.37
C SER C 184 3.75 37.12 -46.83
N LYS C 185 2.72 37.83 -47.30
CA LYS C 185 2.77 38.40 -48.64
C LYS C 185 4.02 39.24 -48.85
N ALA C 186 4.40 40.02 -47.84
CA ALA C 186 5.60 40.83 -47.94
C ALA C 186 6.85 39.96 -48.08
N ASP C 187 7.04 39.01 -47.17
CA ASP C 187 8.20 38.13 -47.23
C ASP C 187 8.21 37.31 -48.51
N TYR C 188 7.03 36.86 -48.96
CA TYR C 188 6.97 36.01 -50.15
C TYR C 188 7.44 36.76 -51.39
N GLU C 189 7.05 38.03 -51.52
CA GLU C 189 7.46 38.84 -52.66
C GLU C 189 8.91 39.30 -52.57
N LYS C 190 9.56 39.10 -51.43
CA LYS C 190 10.95 39.52 -51.26
C LYS C 190 11.93 38.54 -51.88
N HIS C 191 11.52 37.31 -52.17
CA HIS C 191 12.39 36.29 -52.72
C HIS C 191 11.77 35.71 -53.98
N LYS C 192 12.58 34.95 -54.72
CA LYS C 192 12.20 34.45 -56.04
C LYS C 192 12.10 32.93 -56.12
N VAL C 193 13.03 32.20 -55.51
CA VAL C 193 13.14 30.76 -55.67
C VAL C 193 12.59 30.08 -54.41
N TYR C 194 11.60 29.21 -54.61
CA TYR C 194 10.98 28.45 -53.52
C TYR C 194 11.11 26.97 -53.85
N ALA C 195 11.90 26.25 -53.07
CA ALA C 195 12.25 24.87 -53.35
C ALA C 195 11.82 23.96 -52.21
N CYS C 196 11.41 22.74 -52.58
CA CYS C 196 11.13 21.68 -51.63
C CYS C 196 12.11 20.55 -51.87
N GLU C 197 12.95 20.27 -50.88
CA GLU C 197 14.00 19.25 -51.00
C GLU C 197 13.66 18.08 -50.10
N VAL C 198 13.58 16.88 -50.69
CA VAL C 198 13.10 15.68 -50.01
C VAL C 198 14.24 14.68 -49.91
N THR C 199 14.49 14.21 -48.69
CA THR C 199 15.42 13.11 -48.43
C THR C 199 14.62 11.91 -47.98
N HIS C 200 14.84 10.77 -48.64
CA HIS C 200 14.14 9.54 -48.31
C HIS C 200 15.03 8.36 -48.61
N GLN C 201 14.76 7.26 -47.92
CA GLN C 201 15.57 6.05 -48.07
C GLN C 201 15.56 5.54 -49.52
N GLY C 202 14.41 5.63 -50.19
CA GLY C 202 14.30 5.10 -51.53
C GLY C 202 14.86 6.02 -52.59
N LEU C 203 15.54 7.07 -52.16
CA LEU C 203 16.16 8.05 -53.05
C LEU C 203 17.66 8.04 -52.82
N SER C 204 18.43 7.86 -53.88
CA SER C 204 19.89 7.92 -53.80
C SER C 204 20.32 9.30 -53.30
N SER C 205 20.08 10.32 -54.11
CA SER C 205 20.34 11.70 -53.75
C SER C 205 19.03 12.43 -53.47
N PRO C 206 19.05 13.49 -52.66
CA PRO C 206 17.80 14.20 -52.35
C PRO C 206 17.18 14.81 -53.59
N VAL C 207 15.85 14.77 -53.65
CA VAL C 207 15.08 15.31 -54.76
C VAL C 207 14.61 16.72 -54.39
N THR C 208 14.70 17.63 -55.35
CA THR C 208 14.30 19.02 -55.15
C THR C 208 13.25 19.41 -56.18
N LYS C 209 12.17 20.01 -55.71
CA LYS C 209 11.16 20.60 -56.59
C LYS C 209 11.04 22.08 -56.24
N SER C 210 11.20 22.94 -57.24
CA SER C 210 11.24 24.38 -57.01
C SER C 210 10.42 25.10 -58.06
N PHE C 211 10.16 26.37 -57.80
CA PHE C 211 9.53 27.25 -58.77
C PHE C 211 10.04 28.67 -58.56
N ASN C 212 9.72 29.54 -59.52
CA ASN C 212 10.05 30.95 -59.44
C ASN C 212 8.77 31.75 -59.28
N ARG C 213 8.78 32.71 -58.35
CA ARG C 213 7.59 33.48 -58.01
C ARG C 213 7.03 34.22 -59.23
N GLY C 214 5.87 33.77 -59.72
CA GLY C 214 5.26 34.39 -60.87
C GLY C 214 5.97 34.04 -62.17
N GLU C 215 5.92 32.76 -62.56
CA GLU C 215 6.63 32.30 -63.74
C GLU C 215 6.11 30.95 -64.20
N GLN D 2 -25.75 -8.50 -25.43
CA GLN D 2 -24.79 -7.40 -25.42
C GLN D 2 -25.44 -6.12 -24.90
N VAL D 3 -24.60 -5.15 -24.54
CA VAL D 3 -25.06 -3.83 -24.11
C VAL D 3 -24.65 -2.81 -25.18
N GLN D 4 -25.44 -1.76 -25.30
CA GLN D 4 -25.22 -0.71 -26.28
C GLN D 4 -25.01 0.60 -25.54
N LEU D 5 -23.82 1.20 -25.70
CA LEU D 5 -23.48 2.46 -25.05
C LEU D 5 -23.44 3.55 -26.13
N VAL D 6 -24.36 4.50 -26.04
CA VAL D 6 -24.48 5.57 -27.03
C VAL D 6 -24.31 6.90 -26.29
N GLN D 7 -23.28 7.65 -26.68
CA GLN D 7 -22.97 8.93 -26.06
C GLN D 7 -23.48 10.08 -26.93
N SER D 8 -23.49 11.27 -26.32
CA SER D 8 -23.93 12.48 -27.01
C SER D 8 -22.89 12.90 -28.06
N GLY D 9 -23.21 13.94 -28.81
CA GLY D 9 -22.40 14.35 -29.93
C GLY D 9 -21.19 15.19 -29.53
N ALA D 10 -20.47 15.66 -30.56
CA ALA D 10 -19.28 16.47 -30.36
C ALA D 10 -19.64 17.81 -29.71
N GLU D 11 -18.73 18.30 -28.88
CA GLU D 11 -18.92 19.54 -28.14
C GLU D 11 -17.75 20.47 -28.38
N VAL D 12 -18.04 21.76 -28.52
CA VAL D 12 -17.03 22.80 -28.66
C VAL D 12 -17.25 23.81 -27.54
N LYS D 13 -16.22 24.06 -26.76
CA LYS D 13 -16.35 24.93 -25.58
C LYS D 13 -15.18 25.90 -25.51
N LYS D 14 -15.46 27.07 -24.95
CA LYS D 14 -14.42 28.03 -24.59
C LYS D 14 -13.82 27.64 -23.25
N PRO D 15 -12.59 28.08 -22.96
CA PRO D 15 -11.99 27.77 -21.66
C PRO D 15 -12.83 28.35 -20.53
N GLY D 16 -12.85 27.62 -19.41
CA GLY D 16 -13.59 28.04 -18.24
C GLY D 16 -15.04 27.58 -18.21
N SER D 17 -15.64 27.37 -19.38
CA SER D 17 -17.03 26.92 -19.44
C SER D 17 -17.11 25.44 -19.02
N SER D 18 -18.28 24.84 -19.23
CA SER D 18 -18.53 23.48 -18.77
C SER D 18 -19.18 22.66 -19.87
N VAL D 19 -18.99 21.34 -19.79
CA VAL D 19 -19.58 20.39 -20.72
C VAL D 19 -20.13 19.23 -19.90
N LYS D 20 -21.16 18.56 -20.43
CA LYS D 20 -21.76 17.41 -19.78
C LYS D 20 -22.11 16.38 -20.83
N VAL D 21 -21.34 15.29 -20.87
CA VAL D 21 -21.51 14.23 -21.86
C VAL D 21 -22.38 13.14 -21.26
N SER D 22 -23.34 12.66 -22.04
CA SER D 22 -24.23 11.58 -21.61
C SER D 22 -23.80 10.25 -22.21
N CYS D 23 -24.33 9.17 -21.65
CA CYS D 23 -23.99 7.81 -22.07
C CYS D 23 -25.20 6.92 -21.71
N LYS D 24 -26.08 6.71 -22.67
CA LYS D 24 -27.26 5.88 -22.47
C LYS D 24 -26.91 4.42 -22.72
N ALA D 25 -27.27 3.56 -21.77
CA ALA D 25 -27.04 2.13 -21.86
C ALA D 25 -28.35 1.42 -22.15
N SER D 26 -28.36 0.59 -23.19
CA SER D 26 -29.55 -0.15 -23.57
C SER D 26 -29.19 -1.61 -23.75
N GLY D 27 -30.14 -2.49 -23.41
CA GLY D 27 -29.94 -3.91 -23.56
C GLY D 27 -29.99 -4.68 -22.25
N GLY D 28 -28.99 -4.48 -21.40
CA GLY D 28 -28.87 -5.20 -20.15
C GLY D 28 -29.26 -4.38 -18.94
N THR D 29 -29.13 -5.01 -17.77
CA THR D 29 -29.42 -4.33 -16.52
C THR D 29 -28.40 -3.23 -16.24
N PHE D 30 -28.89 -2.09 -15.76
CA PHE D 30 -28.09 -0.88 -15.65
C PHE D 30 -27.49 -0.65 -14.27
N SER D 31 -28.28 -0.81 -13.22
CA SER D 31 -27.89 -0.28 -11.91
C SER D 31 -26.72 -1.03 -11.29
N SER D 32 -26.60 -2.32 -11.57
CA SER D 32 -25.65 -3.15 -10.81
C SER D 32 -24.23 -3.09 -11.34
N TYR D 33 -23.97 -2.42 -12.46
CA TYR D 33 -22.68 -2.53 -13.11
C TYR D 33 -21.99 -1.16 -13.15
N PRO D 34 -20.73 -1.06 -12.72
CA PRO D 34 -20.08 0.25 -12.63
C PRO D 34 -19.69 0.77 -14.02
N ILE D 35 -20.07 2.02 -14.28
CA ILE D 35 -19.75 2.69 -15.53
C ILE D 35 -18.57 3.62 -15.30
N SER D 36 -17.57 3.54 -16.18
CA SER D 36 -16.36 4.34 -16.07
C SER D 36 -16.24 5.27 -17.27
N TRP D 37 -15.46 6.33 -17.09
CA TRP D 37 -15.16 7.27 -18.15
C TRP D 37 -13.66 7.24 -18.42
N VAL D 38 -13.29 7.12 -19.68
CA VAL D 38 -11.90 7.05 -20.10
C VAL D 38 -11.71 8.09 -21.19
N ARG D 39 -10.61 8.84 -21.12
CA ARG D 39 -10.37 9.89 -22.09
C ARG D 39 -9.08 9.63 -22.85
N GLN D 40 -8.99 10.24 -24.04
CA GLN D 40 -7.85 10.07 -24.94
C GLN D 40 -7.61 11.40 -25.65
N ALA D 41 -6.49 12.04 -25.34
CA ALA D 41 -6.09 13.23 -26.07
C ALA D 41 -5.68 12.86 -27.49
N PRO D 42 -5.83 13.78 -28.45
CA PRO D 42 -5.49 13.48 -29.84
C PRO D 42 -4.06 12.98 -29.98
N GLY D 43 -3.91 11.84 -30.65
CA GLY D 43 -2.62 11.22 -30.85
C GLY D 43 -2.01 10.56 -29.63
N GLN D 44 -2.65 10.65 -28.47
CA GLN D 44 -2.11 10.12 -27.22
C GLN D 44 -2.90 8.87 -26.80
N GLY D 45 -2.55 8.37 -25.62
CA GLY D 45 -3.11 7.14 -25.09
C GLY D 45 -4.34 7.36 -24.24
N LEU D 46 -4.70 6.32 -23.50
CA LEU D 46 -5.95 6.28 -22.75
C LEU D 46 -5.70 6.58 -21.27
N GLU D 47 -6.60 7.38 -20.69
CA GLU D 47 -6.50 7.76 -19.28
C GLU D 47 -7.87 7.63 -18.64
N TRP D 48 -7.93 6.92 -17.52
CA TRP D 48 -9.18 6.70 -16.79
C TRP D 48 -9.56 7.94 -16.01
N VAL D 49 -10.72 8.52 -16.32
CA VAL D 49 -11.14 9.75 -15.66
C VAL D 49 -11.84 9.45 -14.34
N GLY D 50 -12.83 8.56 -14.36
CA GLY D 50 -13.55 8.23 -13.15
C GLY D 50 -14.58 7.15 -13.42
N GLY D 51 -15.40 6.88 -12.41
CA GLY D 51 -16.43 5.88 -12.55
C GLY D 51 -17.46 5.99 -11.44
N ILE D 52 -18.57 5.27 -11.64
CA ILE D 52 -19.67 5.28 -10.68
C ILE D 52 -20.46 3.99 -10.84
N ILE D 53 -21.00 3.50 -9.71
CA ILE D 53 -21.98 2.42 -9.72
C ILE D 53 -23.36 3.06 -9.60
N PRO D 54 -24.20 3.02 -10.64
CA PRO D 54 -25.48 3.74 -10.58
C PRO D 54 -26.33 3.38 -9.38
N LEU D 55 -26.25 2.14 -8.90
CA LEU D 55 -27.08 1.71 -7.79
C LEU D 55 -26.74 2.46 -6.50
N PHE D 56 -25.48 2.83 -6.31
CA PHE D 56 -25.05 3.49 -5.09
C PHE D 56 -24.84 5.00 -5.25
N GLY D 57 -24.63 5.47 -6.46
CA GLY D 57 -24.52 6.90 -6.71
C GLY D 57 -23.30 7.57 -6.15
N THR D 58 -22.22 6.82 -5.89
CA THR D 58 -21.00 7.35 -5.30
C THR D 58 -19.89 7.30 -6.33
N ALA D 59 -19.55 8.45 -6.90
CA ALA D 59 -18.54 8.48 -7.94
C ALA D 59 -17.14 8.52 -7.32
N ASN D 60 -16.16 8.18 -8.15
CA ASN D 60 -14.75 8.23 -7.78
C ASN D 60 -13.98 8.75 -8.98
N TYR D 61 -12.85 9.40 -8.70
CA TYR D 61 -12.12 10.11 -9.74
C TYR D 61 -10.62 9.92 -9.54
N ALA D 62 -9.90 9.94 -10.65
CA ALA D 62 -8.45 10.08 -10.57
C ALA D 62 -8.10 11.42 -9.95
N GLN D 63 -7.02 11.44 -9.16
CA GLN D 63 -6.66 12.63 -8.39
C GLN D 63 -6.56 13.88 -9.26
N ARG D 64 -6.08 13.73 -10.49
CA ARG D 64 -5.88 14.91 -11.34
C ARG D 64 -7.20 15.55 -11.76
N PHE D 65 -8.30 14.78 -11.76
CA PHE D 65 -9.61 15.29 -12.15
C PHE D 65 -10.49 15.67 -10.97
N GLN D 66 -10.08 15.33 -9.74
CA GLN D 66 -10.92 15.59 -8.58
C GLN D 66 -11.12 17.09 -8.38
N GLY D 67 -12.37 17.47 -8.07
CA GLY D 67 -12.74 18.86 -7.96
C GLY D 67 -13.08 19.53 -9.28
N ARG D 68 -12.93 18.83 -10.40
CA ARG D 68 -13.25 19.37 -11.71
C ARG D 68 -14.27 18.55 -12.47
N VAL D 69 -14.40 17.26 -12.17
CA VAL D 69 -15.29 16.35 -12.89
C VAL D 69 -16.34 15.84 -11.91
N THR D 70 -17.60 15.83 -12.35
CA THR D 70 -18.69 15.23 -11.60
C THR D 70 -19.34 14.17 -12.47
N ILE D 71 -19.40 12.94 -11.98
CA ILE D 71 -19.97 11.82 -12.71
C ILE D 71 -21.24 11.37 -11.99
N THR D 72 -22.32 11.21 -12.75
CA THR D 72 -23.62 10.86 -12.19
C THR D 72 -24.25 9.77 -13.05
N ALA D 73 -25.36 9.22 -12.57
CA ALA D 73 -26.06 8.15 -13.27
C ALA D 73 -27.54 8.21 -12.94
N ASP D 74 -28.39 8.32 -13.96
CA ASP D 74 -29.84 8.36 -13.80
C ASP D 74 -30.39 6.96 -14.09
N GLU D 75 -30.94 6.32 -13.06
CA GLU D 75 -31.42 4.96 -13.22
C GLU D 75 -32.73 4.89 -14.00
N SER D 76 -33.53 5.97 -13.96
CA SER D 76 -34.82 5.95 -14.64
C SER D 76 -34.66 6.00 -16.15
N THR D 77 -33.57 6.58 -16.64
CA THR D 77 -33.31 6.67 -18.07
C THR D 77 -32.08 5.89 -18.52
N ARG D 78 -31.41 5.19 -17.60
CA ARG D 78 -30.25 4.36 -17.92
C ARG D 78 -29.16 5.18 -18.63
N THR D 79 -28.80 6.32 -18.04
CA THR D 79 -27.89 7.26 -18.67
C THR D 79 -26.84 7.72 -17.66
N ALA D 80 -25.57 7.53 -17.99
CA ALA D 80 -24.46 7.99 -17.19
C ALA D 80 -23.95 9.31 -17.75
N TYR D 81 -23.60 10.24 -16.86
CA TYR D 81 -23.14 11.56 -17.24
C TYR D 81 -21.75 11.83 -16.70
N MET D 82 -20.95 12.53 -17.48
CA MET D 82 -19.69 13.11 -17.03
C MET D 82 -19.73 14.60 -17.28
N GLU D 83 -19.65 15.39 -16.21
CA GLU D 83 -19.64 16.85 -16.31
C GLU D 83 -18.27 17.37 -15.87
N VAL D 84 -17.64 18.15 -16.75
CA VAL D 84 -16.34 18.74 -16.46
C VAL D 84 -16.52 20.25 -16.43
N SER D 85 -16.36 20.85 -15.26
CA SER D 85 -16.43 22.30 -15.12
C SER D 85 -15.03 22.90 -15.19
N THR D 86 -14.99 24.19 -15.51
CA THR D 86 -13.74 24.94 -15.68
C THR D 86 -12.83 24.23 -16.67
N LEU D 87 -13.29 24.20 -17.92
CA LEU D 87 -12.56 23.50 -18.96
C LEU D 87 -11.24 24.19 -19.27
N ARG D 88 -10.20 23.40 -19.45
CA ARG D 88 -8.89 23.85 -19.91
C ARG D 88 -8.62 23.26 -21.28
N SER D 89 -7.71 23.90 -22.03
CA SER D 89 -7.37 23.40 -23.35
C SER D 89 -6.75 22.00 -23.29
N GLU D 90 -6.06 21.69 -22.19
CA GLU D 90 -5.51 20.36 -22.01
C GLU D 90 -6.59 19.31 -21.77
N ASP D 91 -7.86 19.71 -21.66
CA ASP D 91 -8.97 18.78 -21.58
C ASP D 91 -9.51 18.38 -22.95
N THR D 92 -9.01 18.99 -24.03
CA THR D 92 -9.42 18.58 -25.37
C THR D 92 -9.07 17.12 -25.59
N ALA D 93 -10.08 16.27 -25.72
CA ALA D 93 -9.87 14.84 -25.80
C ALA D 93 -11.17 14.19 -26.28
N VAL D 94 -11.05 12.93 -26.67
CA VAL D 94 -12.21 12.05 -26.84
C VAL D 94 -12.50 11.42 -25.49
N TYR D 95 -13.78 11.34 -25.12
CA TYR D 95 -14.19 10.73 -23.87
C TYR D 95 -15.08 9.52 -24.17
N TYR D 96 -14.72 8.37 -23.61
CA TYR D 96 -15.48 7.14 -23.74
C TYR D 96 -16.09 6.77 -22.38
N CYS D 97 -17.34 6.33 -22.40
CA CYS D 97 -17.89 5.57 -21.29
C CYS D 97 -17.68 4.09 -21.56
N ALA D 98 -17.57 3.31 -20.48
CA ALA D 98 -17.20 1.91 -20.65
C ALA D 98 -17.66 1.07 -19.46
N ARG D 99 -17.95 -0.19 -19.76
CA ARG D 99 -18.21 -1.24 -18.79
C ARG D 99 -17.70 -2.52 -19.47
N GLY D 100 -17.68 -3.70 -18.84
CA GLY D 100 -18.25 -4.00 -17.54
C GLY D 100 -19.18 -5.19 -17.67
N ILE D 101 -18.66 -6.39 -17.42
CA ILE D 101 -19.45 -7.62 -17.50
C ILE D 101 -19.87 -8.10 -16.12
N ALA D 102 -18.99 -7.97 -15.13
CA ALA D 102 -19.28 -8.41 -13.77
C ALA D 102 -20.01 -7.33 -12.99
N SER D 103 -20.86 -7.77 -12.06
CA SER D 103 -21.57 -6.83 -11.22
C SER D 103 -20.61 -6.15 -10.24
N ALA D 104 -21.14 -5.16 -9.52
CA ALA D 104 -20.30 -4.30 -8.68
C ALA D 104 -19.63 -5.10 -7.57
N GLY D 105 -18.42 -4.68 -7.21
CA GLY D 105 -17.63 -5.31 -6.19
C GLY D 105 -16.56 -6.25 -6.72
N THR D 106 -16.75 -6.78 -7.88
CA THR D 106 -15.74 -7.66 -8.45
C THR D 106 -14.90 -6.90 -9.47
N PRO D 107 -13.58 -7.09 -9.46
CA PRO D 107 -12.71 -6.39 -10.41
C PRO D 107 -13.00 -6.84 -11.82
N ASP D 108 -13.11 -5.88 -12.73
CA ASP D 108 -13.53 -6.19 -14.09
C ASP D 108 -12.78 -5.32 -15.08
N TYR D 109 -12.86 -5.70 -16.35
CA TYR D 109 -12.25 -4.99 -17.45
C TYR D 109 -13.31 -4.16 -18.17
N PHE D 110 -12.89 -3.48 -19.24
CA PHE D 110 -13.77 -2.64 -20.04
C PHE D 110 -14.15 -3.43 -21.29
N PHE D 111 -15.34 -4.02 -21.28
CA PHE D 111 -15.81 -4.84 -22.38
C PHE D 111 -16.72 -4.09 -23.34
N TYR D 112 -17.60 -3.23 -22.81
CA TYR D 112 -18.50 -2.44 -23.63
C TYR D 112 -18.03 -0.99 -23.65
N TRP D 113 -18.04 -0.38 -24.83
CA TRP D 113 -17.55 0.98 -25.03
C TRP D 113 -18.58 1.78 -25.82
N GLY D 114 -18.72 3.05 -25.46
CA GLY D 114 -19.47 3.97 -26.30
C GLY D 114 -18.67 4.35 -27.52
N GLN D 115 -19.27 5.17 -28.37
CA GLN D 115 -18.61 5.58 -29.60
C GLN D 115 -17.60 6.70 -29.38
N GLY D 116 -17.60 7.33 -28.22
CA GLY D 116 -16.71 8.43 -27.94
C GLY D 116 -17.36 9.78 -28.19
N THR D 117 -16.88 10.78 -27.47
CA THR D 117 -17.36 12.16 -27.60
C THR D 117 -16.15 13.09 -27.65
N LEU D 118 -15.89 13.64 -28.83
CA LEU D 118 -14.83 14.63 -28.97
C LEU D 118 -15.22 15.92 -28.24
N VAL D 119 -14.38 16.35 -27.31
CA VAL D 119 -14.55 17.61 -26.61
C VAL D 119 -13.41 18.51 -27.02
N THR D 120 -13.72 19.59 -27.75
CA THR D 120 -12.73 20.58 -28.16
C THR D 120 -12.83 21.81 -27.28
N VAL D 121 -11.70 22.23 -26.72
CA VAL D 121 -11.64 23.46 -25.95
C VAL D 121 -10.92 24.52 -26.78
N SER D 122 -11.68 25.25 -27.59
CA SER D 122 -11.14 26.15 -28.60
C SER D 122 -11.74 27.54 -28.45
N SER D 123 -10.91 28.56 -28.67
CA SER D 123 -11.33 29.96 -28.56
C SER D 123 -11.86 30.54 -29.86
N ALA D 124 -11.62 29.89 -30.99
CA ALA D 124 -12.07 30.42 -32.27
C ALA D 124 -13.59 30.37 -32.37
N SER D 125 -14.10 30.94 -33.45
CA SER D 125 -15.53 30.97 -33.72
C SER D 125 -15.82 30.18 -34.99
N THR D 126 -17.07 29.74 -35.12
CA THR D 126 -17.51 28.97 -36.28
C THR D 126 -17.19 29.72 -37.58
N LYS D 127 -15.93 29.67 -37.99
CA LYS D 127 -15.46 30.40 -39.17
C LYS D 127 -15.49 29.48 -40.39
N GLY D 128 -16.10 29.98 -41.46
CA GLY D 128 -16.14 29.25 -42.71
C GLY D 128 -14.75 29.02 -43.26
N PRO D 129 -14.60 28.02 -44.11
CA PRO D 129 -13.29 27.75 -44.70
C PRO D 129 -12.97 28.67 -45.87
N SER D 130 -11.68 28.79 -46.15
CA SER D 130 -11.19 29.40 -47.37
C SER D 130 -10.60 28.32 -48.26
N VAL D 131 -10.97 28.34 -49.54
CA VAL D 131 -10.58 27.30 -50.49
C VAL D 131 -9.65 27.94 -51.52
N PHE D 132 -8.38 27.54 -51.47
CA PHE D 132 -7.35 27.97 -52.42
C PHE D 132 -6.93 26.80 -53.28
N PRO D 133 -6.78 26.98 -54.58
CA PRO D 133 -6.42 25.87 -55.45
C PRO D 133 -4.94 25.51 -55.30
N LEU D 134 -4.64 24.26 -55.62
CA LEU D 134 -3.28 23.76 -55.74
C LEU D 134 -3.10 23.37 -57.21
N ALA D 135 -2.67 24.33 -58.03
CA ALA D 135 -2.66 24.18 -59.47
C ALA D 135 -1.53 23.25 -59.92
N PRO D 136 -1.77 22.42 -60.93
CA PRO D 136 -0.70 21.59 -61.48
C PRO D 136 0.30 22.41 -62.27
N SER D 137 1.55 21.96 -62.28
CA SER D 137 2.61 22.69 -62.98
C SER D 137 3.73 21.72 -63.33
N SER D 138 3.93 21.48 -64.63
CA SER D 138 5.04 20.66 -65.10
C SER D 138 5.85 21.42 -66.14
N GLY D 144 4.15 12.81 -67.06
CA GLY D 144 3.51 11.51 -67.03
C GLY D 144 2.34 11.44 -66.07
N THR D 145 2.57 11.89 -64.85
CA THR D 145 1.53 11.98 -63.82
C THR D 145 1.54 13.38 -63.24
N ALA D 146 0.36 13.97 -63.10
CA ALA D 146 0.21 15.33 -62.60
C ALA D 146 -0.46 15.33 -61.23
N ALA D 147 -0.13 16.33 -60.44
CA ALA D 147 -0.68 16.49 -59.10
C ALA D 147 -1.41 17.82 -58.99
N LEU D 148 -2.55 17.80 -58.31
CA LEU D 148 -3.33 19.00 -58.05
C LEU D 148 -4.10 18.78 -56.75
N GLY D 149 -4.72 19.83 -56.25
CA GLY D 149 -5.45 19.69 -55.01
C GLY D 149 -6.10 20.97 -54.54
N CYS D 150 -6.41 20.99 -53.24
CA CYS D 150 -7.19 22.04 -52.61
C CYS D 150 -6.61 22.36 -51.25
N LEU D 151 -6.35 23.63 -50.99
CA LEU D 151 -5.89 24.08 -49.69
C LEU D 151 -7.09 24.63 -48.92
N VAL D 152 -7.56 23.87 -47.93
CA VAL D 152 -8.67 24.27 -47.09
C VAL D 152 -8.06 24.86 -45.82
N LYS D 153 -7.94 26.19 -45.79
CA LYS D 153 -7.17 26.88 -44.77
C LYS D 153 -8.07 27.73 -43.87
N ASP D 154 -7.69 27.81 -42.59
CA ASP D 154 -8.30 28.72 -41.63
C ASP D 154 -9.80 28.48 -41.50
N TYR D 155 -10.19 27.24 -41.25
CA TYR D 155 -11.58 26.90 -41.01
C TYR D 155 -11.79 26.50 -39.56
N PHE D 156 -13.07 26.41 -39.19
CA PHE D 156 -13.45 26.03 -37.83
C PHE D 156 -14.94 25.70 -37.77
N PRO D 157 -15.29 24.64 -37.01
CA PRO D 157 -14.32 23.75 -36.38
C PRO D 157 -14.17 22.45 -37.15
N GLU D 158 -13.56 21.45 -36.52
CA GLU D 158 -13.43 20.13 -37.13
C GLU D 158 -14.80 19.47 -37.24
N PRO D 159 -15.03 18.70 -38.31
CA PRO D 159 -14.15 18.58 -39.47
C PRO D 159 -14.80 19.16 -40.72
N VAL D 160 -14.23 18.85 -41.89
CA VAL D 160 -14.82 19.22 -43.17
C VAL D 160 -14.88 17.98 -44.05
N THR D 161 -15.76 18.04 -45.05
CA THR D 161 -15.82 17.03 -46.09
C THR D 161 -15.13 17.56 -47.34
N VAL D 162 -14.39 16.69 -48.01
CA VAL D 162 -13.72 17.03 -49.26
C VAL D 162 -14.02 15.92 -50.26
N SER D 163 -14.78 16.25 -51.30
CA SER D 163 -15.02 15.35 -52.42
C SER D 163 -14.38 15.93 -53.67
N TRP D 164 -14.41 15.14 -54.74
CA TRP D 164 -13.84 15.56 -56.02
C TRP D 164 -14.78 15.13 -57.14
N ASN D 165 -15.26 16.12 -57.91
CA ASN D 165 -16.25 15.90 -58.97
C ASN D 165 -17.50 15.22 -58.41
N SER D 166 -18.08 15.84 -57.37
CA SER D 166 -19.31 15.37 -56.71
C SER D 166 -19.08 14.04 -56.01
N GLY D 167 -18.46 13.08 -56.70
CA GLY D 167 -18.15 11.79 -56.11
C GLY D 167 -17.53 10.85 -57.10
N ALA D 168 -17.25 11.35 -58.30
CA ALA D 168 -16.72 10.52 -59.38
C ALA D 168 -15.21 10.32 -59.31
N LEU D 169 -14.52 11.04 -58.44
CA LEU D 169 -13.06 10.95 -58.32
C LEU D 169 -12.72 10.48 -56.91
N THR D 170 -12.18 9.26 -56.81
CA THR D 170 -11.61 8.74 -55.57
C THR D 170 -10.26 8.10 -55.74
N SER D 171 -9.89 7.66 -56.95
CA SER D 171 -8.60 7.03 -57.17
C SER D 171 -7.49 8.07 -57.06
N GLY D 172 -6.68 7.95 -56.02
CA GLY D 172 -5.57 8.86 -55.81
C GLY D 172 -5.86 10.05 -54.94
N VAL D 173 -7.00 10.07 -54.24
CA VAL D 173 -7.32 11.17 -53.34
C VAL D 173 -6.58 10.97 -52.03
N HIS D 174 -5.96 12.04 -51.53
CA HIS D 174 -5.32 12.04 -50.22
C HIS D 174 -5.77 13.30 -49.48
N THR D 175 -6.75 13.15 -48.60
CA THR D 175 -7.17 14.23 -47.72
C THR D 175 -6.38 14.09 -46.42
N PHE D 176 -5.44 15.00 -46.20
CA PHE D 176 -4.54 14.90 -45.07
C PHE D 176 -5.24 15.29 -43.77
N PRO D 177 -4.79 14.74 -42.64
CA PRO D 177 -5.29 15.21 -41.35
C PRO D 177 -4.99 16.69 -41.15
N ALA D 178 -5.92 17.39 -40.52
CA ALA D 178 -5.77 18.83 -40.34
C ALA D 178 -4.69 19.13 -39.30
N VAL D 179 -4.05 20.29 -39.46
CA VAL D 179 -3.06 20.79 -38.52
C VAL D 179 -3.67 21.93 -37.72
N LEU D 180 -3.35 21.98 -36.43
CA LEU D 180 -3.78 23.07 -35.58
C LEU D 180 -2.70 24.16 -35.64
N GLN D 181 -2.98 25.21 -36.40
CA GLN D 181 -2.02 26.30 -36.55
C GLN D 181 -1.96 27.14 -35.28
N SER D 182 -0.77 27.67 -35.00
CA SER D 182 -0.66 28.75 -34.02
C SER D 182 -0.91 30.06 -34.78
N SER D 183 -2.00 30.73 -34.42
CA SER D 183 -2.84 30.29 -33.31
C SER D 183 -4.31 30.14 -33.70
N GLY D 184 -4.91 29.04 -33.26
CA GLY D 184 -6.34 28.82 -33.36
C GLY D 184 -6.92 28.85 -34.75
N LEU D 185 -6.64 27.80 -35.53
CA LEU D 185 -7.20 27.60 -36.86
C LEU D 185 -6.74 26.27 -37.40
N TYR D 186 -7.60 25.57 -38.14
CA TYR D 186 -7.31 24.26 -38.70
C TYR D 186 -7.07 24.38 -40.19
N SER D 187 -5.87 24.03 -40.64
CA SER D 187 -5.53 24.00 -42.05
C SER D 187 -5.41 22.56 -42.52
N LEU D 188 -5.70 22.33 -43.80
CA LEU D 188 -5.78 20.99 -44.34
C LEU D 188 -5.66 21.04 -45.85
N SER D 189 -4.98 20.06 -46.42
CA SER D 189 -4.84 19.92 -47.86
C SER D 189 -5.47 18.61 -48.32
N SER D 190 -6.02 18.63 -49.53
CA SER D 190 -6.56 17.44 -50.18
C SER D 190 -6.06 17.44 -51.61
N VAL D 191 -5.36 16.38 -52.00
CA VAL D 191 -4.66 16.33 -53.27
C VAL D 191 -5.18 15.15 -54.10
N VAL D 192 -4.84 15.16 -55.38
CA VAL D 192 -5.17 14.08 -56.30
C VAL D 192 -4.04 13.97 -57.32
N THR D 193 -3.63 12.73 -57.59
CA THR D 193 -2.74 12.44 -58.70
C THR D 193 -3.57 11.91 -59.86
N VAL D 194 -3.49 12.59 -61.00
CA VAL D 194 -4.27 12.24 -62.18
C VAL D 194 -3.31 12.15 -63.36
N PRO D 195 -3.73 11.50 -64.46
CA PRO D 195 -2.86 11.43 -65.63
C PRO D 195 -2.63 12.80 -66.26
N SER D 196 -1.36 13.12 -66.50
CA SER D 196 -1.03 14.39 -67.14
C SER D 196 -1.66 14.48 -68.53
N SER D 197 -1.69 13.35 -69.25
CA SER D 197 -2.32 13.30 -70.57
C SER D 197 -3.83 13.18 -70.44
N SER D 198 -4.43 14.06 -69.63
CA SER D 198 -5.87 14.08 -69.42
C SER D 198 -6.28 15.35 -68.68
N LEU D 199 -5.30 16.20 -68.37
CA LEU D 199 -5.61 17.45 -67.68
C LEU D 199 -6.45 18.37 -68.55
N GLY D 200 -6.10 18.46 -69.84
CA GLY D 200 -6.91 19.21 -70.79
C GLY D 200 -8.00 18.34 -71.40
N THR D 201 -8.95 17.91 -70.57
CA THR D 201 -10.04 17.07 -71.02
C THR D 201 -11.15 17.04 -69.98
N GLN D 202 -10.88 16.39 -68.83
CA GLN D 202 -11.83 16.33 -67.73
C GLN D 202 -11.58 17.49 -66.77
N THR D 203 -12.68 18.07 -66.27
CA THR D 203 -12.60 19.19 -65.35
C THR D 203 -12.57 18.67 -63.90
N TYR D 204 -11.56 19.10 -63.15
CA TYR D 204 -11.38 18.67 -61.77
C TYR D 204 -11.93 19.73 -60.83
N ILE D 205 -12.93 19.35 -60.03
CA ILE D 205 -13.58 20.25 -59.09
C ILE D 205 -13.45 19.66 -57.69
N CYS D 206 -12.98 20.46 -56.75
CA CYS D 206 -12.83 20.05 -55.37
C CYS D 206 -14.02 20.55 -54.57
N ASN D 207 -14.75 19.63 -53.94
CA ASN D 207 -16.00 19.93 -53.26
C ASN D 207 -15.75 19.91 -51.76
N VAL D 208 -15.44 21.08 -51.19
CA VAL D 208 -15.29 21.22 -49.76
C VAL D 208 -16.65 21.60 -49.18
N ASN D 209 -17.01 20.95 -48.08
CA ASN D 209 -18.29 21.19 -47.42
C ASN D 209 -18.05 21.34 -45.92
N HIS D 210 -18.60 22.41 -45.34
CA HIS D 210 -18.43 22.70 -43.92
C HIS D 210 -19.81 22.71 -43.28
N LYS D 211 -20.08 21.74 -42.41
CA LYS D 211 -21.40 21.65 -41.79
C LYS D 211 -21.62 22.74 -40.74
N PRO D 212 -20.66 23.05 -39.82
CA PRO D 212 -20.96 24.07 -38.80
C PRO D 212 -20.85 25.51 -39.29
N SER D 213 -21.22 25.76 -40.55
CA SER D 213 -21.29 27.11 -41.09
C SER D 213 -22.01 27.11 -42.43
N ASN D 214 -22.40 25.93 -42.90
CA ASN D 214 -23.13 25.76 -44.16
C ASN D 214 -22.37 26.40 -45.33
N THR D 215 -21.17 25.87 -45.57
CA THR D 215 -20.27 26.42 -46.57
C THR D 215 -19.98 25.34 -47.61
N LYS D 216 -20.81 25.29 -48.66
CA LYS D 216 -20.64 24.34 -49.76
C LYS D 216 -19.86 25.04 -50.87
N VAL D 217 -18.56 24.80 -50.91
CA VAL D 217 -17.68 25.42 -51.89
C VAL D 217 -17.27 24.39 -52.92
N ASP D 218 -17.24 24.78 -54.19
CA ASP D 218 -16.82 23.93 -55.30
C ASP D 218 -15.86 24.74 -56.15
N LYS D 219 -14.59 24.75 -55.78
CA LYS D 219 -13.56 25.50 -56.51
C LYS D 219 -12.91 24.61 -57.54
N LYS D 220 -12.92 25.05 -58.79
CA LYS D 220 -12.23 24.34 -59.85
C LYS D 220 -10.72 24.60 -59.77
N VAL D 221 -9.95 23.59 -60.14
CA VAL D 221 -8.49 23.65 -60.08
C VAL D 221 -7.98 23.41 -61.50
N GLU D 222 -7.53 24.48 -62.16
CA GLU D 222 -7.06 24.42 -63.53
C GLU D 222 -5.66 25.01 -63.64
N PRO D 223 -4.81 24.47 -64.51
CA PRO D 223 -3.45 24.97 -64.73
C PRO D 223 -3.42 26.39 -65.30
N GLN E 2 29.05 -2.57 47.20
CA GLN E 2 27.89 -3.00 47.97
C GLN E 2 27.62 -4.49 47.77
N VAL E 3 27.12 -4.85 46.59
CA VAL E 3 26.83 -6.24 46.26
C VAL E 3 28.12 -6.97 45.89
N GLN E 4 28.21 -8.24 46.26
CA GLN E 4 29.37 -9.06 45.99
C GLN E 4 28.92 -10.42 45.50
N LEU E 5 29.56 -10.91 44.42
CA LEU E 5 29.25 -12.20 43.83
C LEU E 5 30.47 -13.10 43.96
N VAL E 6 30.32 -14.22 44.65
CA VAL E 6 31.40 -15.17 44.88
C VAL E 6 31.04 -16.47 44.18
N GLN E 7 31.89 -16.91 43.25
CA GLN E 7 31.63 -18.08 42.43
C GLN E 7 32.41 -19.28 42.95
N SER E 8 31.99 -20.46 42.49
CA SER E 8 32.67 -21.69 42.89
C SER E 8 34.02 -21.80 42.18
N GLY E 9 34.81 -22.78 42.61
CA GLY E 9 36.15 -22.95 42.10
C GLY E 9 36.18 -23.55 40.70
N ALA E 10 37.40 -23.72 40.20
CA ALA E 10 37.60 -24.21 38.84
C ALA E 10 37.08 -25.64 38.70
N GLU E 11 36.88 -26.04 37.45
CA GLU E 11 36.32 -27.35 37.13
C GLU E 11 37.09 -27.99 35.99
N VAL E 12 37.30 -29.30 36.07
CA VAL E 12 37.96 -30.07 35.03
C VAL E 12 37.05 -31.26 34.72
N LYS E 13 36.36 -31.20 33.59
CA LYS E 13 35.36 -32.21 33.24
C LYS E 13 35.74 -32.89 31.93
N LYS E 14 35.12 -34.07 31.71
CA LYS E 14 35.33 -34.86 30.51
C LYS E 14 34.23 -34.59 29.50
N PRO E 15 34.51 -34.78 28.20
CA PRO E 15 33.49 -34.52 27.17
C PRO E 15 32.23 -35.36 27.36
N GLY E 16 31.19 -34.76 27.94
CA GLY E 16 29.93 -35.44 28.17
C GLY E 16 29.43 -35.29 29.59
N SER E 17 30.32 -34.92 30.50
CA SER E 17 29.97 -34.77 31.90
C SER E 17 29.10 -33.53 32.13
N SER E 18 28.64 -33.38 33.36
CA SER E 18 27.86 -32.22 33.77
C SER E 18 28.67 -31.39 34.75
N VAL E 19 28.35 -30.09 34.81
CA VAL E 19 29.02 -29.16 35.70
C VAL E 19 28.01 -28.11 36.14
N LYS E 20 27.99 -27.82 37.45
CA LYS E 20 27.03 -26.91 38.05
C LYS E 20 27.79 -25.84 38.82
N VAL E 21 27.88 -24.63 38.27
CA VAL E 21 28.64 -23.54 38.86
C VAL E 21 27.74 -22.76 39.82
N SER E 22 28.33 -22.27 40.90
CA SER E 22 27.63 -21.52 41.94
C SER E 22 27.98 -20.04 41.88
N CYS E 23 27.15 -19.24 42.54
CA CYS E 23 27.33 -17.79 42.59
C CYS E 23 26.50 -17.28 43.75
N LYS E 24 27.16 -16.90 44.86
CA LYS E 24 26.49 -16.42 46.05
C LYS E 24 26.51 -14.89 46.09
N ALA E 25 25.34 -14.29 46.25
CA ALA E 25 25.16 -12.85 46.17
C ALA E 25 24.91 -12.28 47.56
N SER E 26 25.95 -11.71 48.17
CA SER E 26 25.84 -11.07 49.48
C SER E 26 25.79 -9.56 49.26
N GLY E 27 24.59 -8.99 49.34
CA GLY E 27 24.41 -7.57 49.15
C GLY E 27 23.03 -7.11 49.58
N GLY E 28 22.35 -6.35 48.73
CA GLY E 28 21.01 -5.90 49.06
C GLY E 28 19.98 -6.99 48.92
N THR E 29 18.85 -6.68 48.28
CA THR E 29 17.84 -7.70 48.01
C THR E 29 18.34 -8.63 46.90
N PHE E 30 18.07 -9.92 47.07
CA PHE E 30 18.48 -10.92 46.10
C PHE E 30 17.38 -11.27 45.09
N SER E 31 16.14 -11.39 45.56
CA SER E 31 15.08 -11.92 44.70
C SER E 31 14.75 -10.99 43.55
N SER E 32 14.75 -9.68 43.80
CA SER E 32 14.18 -8.70 42.87
C SER E 32 15.18 -8.19 41.84
N TYR E 33 16.28 -8.91 41.60
CA TYR E 33 17.30 -8.44 40.68
C TYR E 33 17.73 -9.56 39.75
N PRO E 34 17.71 -9.35 38.43
CA PRO E 34 18.08 -10.42 37.49
C PRO E 34 19.56 -10.79 37.62
N ILE E 35 19.81 -12.09 37.67
CA ILE E 35 21.17 -12.64 37.69
C ILE E 35 21.42 -13.28 36.34
N SER E 36 22.50 -12.85 35.67
CA SER E 36 22.83 -13.37 34.34
C SER E 36 24.15 -14.12 34.40
N TRP E 37 24.30 -15.07 33.48
CA TRP E 37 25.53 -15.83 33.31
C TRP E 37 26.15 -15.49 31.96
N VAL E 38 27.43 -15.15 31.97
CA VAL E 38 28.18 -14.76 30.79
C VAL E 38 29.43 -15.62 30.73
N ARG E 39 29.74 -16.16 29.55
CA ARG E 39 30.91 -17.00 29.36
C ARG E 39 31.91 -16.33 28.44
N GLN E 40 33.19 -16.66 28.63
CA GLN E 40 34.29 -16.04 27.89
C GLN E 40 35.31 -17.12 27.56
N ALA E 41 35.33 -17.57 26.31
CA ALA E 41 36.30 -18.56 25.88
C ALA E 41 37.70 -17.96 25.90
N PRO E 42 38.74 -18.80 26.05
CA PRO E 42 40.11 -18.29 26.17
C PRO E 42 40.50 -17.42 24.97
N GLY E 43 40.79 -16.15 25.24
CA GLY E 43 41.16 -15.20 24.22
C GLY E 43 40.02 -14.66 23.38
N GLN E 44 38.79 -15.11 23.62
CA GLN E 44 37.64 -14.70 22.83
C GLN E 44 36.86 -13.62 23.57
N GLY E 45 35.68 -13.27 23.03
CA GLY E 45 34.86 -12.22 23.58
C GLY E 45 33.86 -12.74 24.61
N LEU E 46 32.96 -11.84 25.00
CA LEU E 46 31.96 -12.11 26.03
C LEU E 46 30.66 -12.56 25.38
N GLU E 47 30.02 -13.57 25.98
CA GLU E 47 28.82 -14.16 25.41
C GLU E 47 27.82 -14.43 26.52
N TRP E 48 26.66 -13.80 26.45
CA TRP E 48 25.59 -14.01 27.42
C TRP E 48 25.03 -15.41 27.27
N VAL E 49 25.06 -16.18 28.36
CA VAL E 49 24.57 -17.56 28.37
C VAL E 49 23.09 -17.56 28.67
N GLY E 50 22.71 -16.95 29.79
CA GLY E 50 21.32 -16.91 30.20
C GLY E 50 21.18 -16.16 31.50
N GLY E 51 19.93 -16.03 31.94
CA GLY E 51 19.67 -15.32 33.17
C GLY E 51 18.35 -15.75 33.79
N ILE E 52 18.14 -15.33 35.03
CA ILE E 52 16.93 -15.65 35.77
C ILE E 52 16.68 -14.55 36.78
N ILE E 53 15.40 -14.29 37.05
CA ILE E 53 14.97 -13.43 38.15
C ILE E 53 14.56 -14.34 39.30
N PRO E 54 15.33 -14.42 40.39
CA PRO E 54 15.01 -15.40 41.44
C PRO E 54 13.64 -15.22 42.06
N LEU E 55 13.12 -13.99 42.09
CA LEU E 55 11.76 -13.78 42.60
C LEU E 55 10.72 -14.50 41.76
N PHE E 56 10.97 -14.63 40.45
CA PHE E 56 10.03 -15.27 39.55
C PHE E 56 10.43 -16.68 39.14
N GLY E 57 11.72 -16.98 39.11
CA GLY E 57 12.19 -18.32 38.84
C GLY E 57 12.11 -18.76 37.40
N THR E 58 11.69 -17.89 36.48
CA THR E 58 11.66 -18.22 35.06
C THR E 58 13.00 -17.87 34.43
N ALA E 59 13.69 -18.89 33.93
CA ALA E 59 14.99 -18.70 33.29
C ALA E 59 14.83 -18.58 31.78
N ASN E 60 15.67 -17.74 31.18
CA ASN E 60 15.73 -17.58 29.74
C ASN E 60 17.18 -17.74 29.29
N TYR E 61 17.36 -18.27 28.08
CA TYR E 61 18.68 -18.60 27.57
C TYR E 61 18.87 -18.03 26.17
N ALA E 62 20.13 -17.91 25.77
CA ALA E 62 20.44 -17.59 24.39
C ALA E 62 20.11 -18.78 23.49
N GLN E 63 19.99 -18.50 22.19
CA GLN E 63 19.61 -19.54 21.24
C GLN E 63 20.62 -20.67 21.22
N ARG E 64 21.91 -20.34 21.23
CA ARG E 64 22.96 -21.35 21.18
C ARG E 64 23.00 -22.24 22.42
N PHE E 65 22.30 -21.88 23.50
CA PHE E 65 22.34 -22.65 24.73
C PHE E 65 21.00 -23.22 25.16
N GLN E 66 19.91 -22.88 24.47
CA GLN E 66 18.58 -23.29 24.92
C GLN E 66 18.46 -24.81 24.93
N GLY E 67 18.06 -25.36 26.08
CA GLY E 67 17.92 -26.80 26.22
C GLY E 67 19.07 -27.46 26.93
N ARG E 68 20.28 -27.22 26.46
CA ARG E 68 21.48 -27.85 27.02
C ARG E 68 22.07 -27.10 28.20
N VAL E 69 21.42 -26.03 28.67
CA VAL E 69 21.86 -25.28 29.84
C VAL E 69 20.65 -25.03 30.72
N THR E 70 20.81 -25.23 32.03
CA THR E 70 19.74 -25.01 32.99
C THR E 70 20.25 -24.07 34.08
N ILE E 71 19.55 -22.95 34.26
CA ILE E 71 19.92 -21.92 35.22
C ILE E 71 18.82 -21.80 36.26
N THR E 72 19.19 -21.87 37.53
CA THR E 72 18.24 -21.78 38.63
C THR E 72 18.73 -20.75 39.64
N ALA E 73 17.85 -20.43 40.59
CA ALA E 73 18.18 -19.46 41.63
C ALA E 73 17.48 -19.89 42.91
N ASP E 74 18.26 -20.12 43.96
CA ASP E 74 17.75 -20.55 45.26
C ASP E 74 17.69 -19.35 46.19
N GLU E 75 16.48 -18.88 46.47
CA GLU E 75 16.31 -17.72 47.34
C GLU E 75 16.76 -18.00 48.76
N SER E 76 16.62 -19.25 49.22
CA SER E 76 16.94 -19.57 50.61
C SER E 76 18.40 -19.25 50.94
N THR E 77 19.32 -19.64 50.07
CA THR E 77 20.74 -19.42 50.28
C THR E 77 21.28 -18.21 49.54
N ARG E 78 20.43 -17.48 48.80
CA ARG E 78 20.85 -16.32 48.01
C ARG E 78 21.97 -16.69 47.04
N THR E 79 21.69 -17.70 46.21
CA THR E 79 22.69 -18.26 45.31
C THR E 79 22.02 -18.71 44.02
N ALA E 80 22.63 -18.38 42.89
CA ALA E 80 22.18 -18.82 41.58
C ALA E 80 23.12 -19.90 41.04
N TYR E 81 22.62 -20.67 40.08
CA TYR E 81 23.36 -21.81 39.56
C TYR E 81 23.23 -21.85 38.04
N MET E 82 24.28 -22.36 37.39
CA MET E 82 24.28 -22.61 35.95
C MET E 82 24.85 -24.00 35.71
N GLU E 83 24.02 -24.90 35.16
CA GLU E 83 24.44 -26.27 34.89
C GLU E 83 24.51 -26.52 33.40
N VAL E 84 25.60 -27.12 32.95
CA VAL E 84 25.80 -27.49 31.55
C VAL E 84 25.68 -29.00 31.46
N SER E 85 24.69 -29.48 30.70
CA SER E 85 24.32 -30.89 30.69
C SER E 85 25.38 -31.77 30.04
N THR E 86 25.52 -31.69 28.72
CA THR E 86 26.47 -32.51 27.98
C THR E 86 27.61 -31.61 27.51
N LEU E 87 28.65 -31.52 28.34
CA LEU E 87 29.74 -30.60 28.08
C LEU E 87 30.51 -30.99 26.82
N ARG E 88 30.83 -29.99 26.00
CA ARG E 88 31.62 -30.16 24.80
C ARG E 88 33.01 -29.58 25.03
N SER E 89 33.94 -29.91 24.11
CA SER E 89 35.28 -29.37 24.19
C SER E 89 35.28 -27.87 23.94
N GLU E 90 34.41 -27.40 23.03
CA GLU E 90 34.29 -25.97 22.75
C GLU E 90 33.64 -25.20 23.90
N ASP E 91 33.19 -25.88 24.95
CA ASP E 91 32.61 -25.21 26.11
C ASP E 91 33.67 -24.72 27.09
N THR E 92 34.95 -25.08 26.89
CA THR E 92 36.01 -24.63 27.78
C THR E 92 36.11 -23.11 27.77
N ALA E 93 35.73 -22.48 28.88
CA ALA E 93 35.65 -21.03 28.96
C ALA E 93 35.54 -20.63 30.43
N VAL E 94 35.77 -19.34 30.69
CA VAL E 94 35.51 -18.76 32.00
C VAL E 94 34.06 -18.29 32.02
N TYR E 95 33.34 -18.66 33.08
CA TYR E 95 31.92 -18.35 33.21
C TYR E 95 31.73 -17.37 34.34
N TYR E 96 31.09 -16.23 34.04
CA TYR E 96 30.84 -15.18 35.01
C TYR E 96 29.36 -15.12 35.35
N CYS E 97 29.05 -14.76 36.59
CA CYS E 97 27.72 -14.30 36.96
C CYS E 97 27.76 -12.80 37.17
N ALA E 98 26.71 -12.10 36.75
CA ALA E 98 26.76 -10.65 36.69
C ALA E 98 25.43 -10.04 37.10
N ARG E 99 25.52 -8.76 37.48
CA ARG E 99 24.40 -7.92 37.89
C ARG E 99 24.79 -6.51 37.48
N GLY E 100 23.86 -5.55 37.40
CA GLY E 100 22.48 -5.67 37.83
C GLY E 100 22.22 -4.69 38.95
N ILE E 101 21.97 -3.42 38.60
CA ILE E 101 21.82 -2.38 39.62
C ILE E 101 20.36 -2.01 39.73
N ALA E 102 19.64 -2.10 38.62
CA ALA E 102 18.23 -1.74 38.61
C ALA E 102 17.36 -2.96 38.89
N SER E 103 16.17 -2.70 39.42
CA SER E 103 15.26 -3.77 39.79
C SER E 103 14.74 -4.47 38.53
N ALA E 104 14.21 -5.68 38.74
CA ALA E 104 13.75 -6.52 37.65
C ALA E 104 12.62 -5.85 36.87
N GLY E 105 12.77 -5.79 35.54
CA GLY E 105 11.80 -5.15 34.67
C GLY E 105 12.33 -3.99 33.86
N THR E 106 13.51 -3.46 34.17
CA THR E 106 14.09 -2.39 33.37
C THR E 106 15.40 -2.87 32.76
N PRO E 107 15.75 -2.40 31.56
CA PRO E 107 17.05 -2.75 30.98
C PRO E 107 18.17 -2.30 31.88
N ASP E 108 19.27 -3.06 31.88
CA ASP E 108 20.35 -2.75 32.79
C ASP E 108 21.64 -3.34 32.26
N TYR E 109 22.75 -2.74 32.66
CA TYR E 109 24.09 -3.18 32.33
C TYR E 109 24.56 -4.19 33.37
N PHE E 110 25.78 -4.71 33.19
CA PHE E 110 26.39 -5.61 34.15
C PHE E 110 27.38 -4.80 34.98
N PHE E 111 26.94 -4.40 36.17
CA PHE E 111 27.81 -3.59 37.04
C PHE E 111 28.56 -4.45 38.05
N TYR E 112 27.92 -5.48 38.59
CA TYR E 112 28.54 -6.38 39.55
C TYR E 112 28.93 -7.68 38.84
N TRP E 113 30.19 -8.08 39.02
CA TRP E 113 30.72 -9.27 38.35
C TRP E 113 31.38 -10.17 39.38
N GLY E 114 31.09 -11.47 39.29
CA GLY E 114 31.83 -12.45 40.07
C GLY E 114 33.26 -12.60 39.56
N GLN E 115 34.04 -13.39 40.29
CA GLN E 115 35.43 -13.58 39.91
C GLN E 115 35.60 -14.56 38.76
N GLY E 116 34.53 -15.21 38.32
CA GLY E 116 34.59 -16.14 37.21
C GLY E 116 34.96 -17.54 37.65
N THR E 117 34.56 -18.51 36.83
CA THR E 117 34.83 -19.92 37.10
C THR E 117 35.37 -20.55 35.81
N LEU E 118 36.63 -20.97 35.85
CA LEU E 118 37.25 -21.63 34.71
C LEU E 118 36.75 -23.06 34.61
N VAL E 119 36.14 -23.42 33.48
CA VAL E 119 35.66 -24.77 33.22
C VAL E 119 36.47 -25.32 32.06
N THR E 120 37.16 -26.43 32.29
CA THR E 120 38.05 -27.02 31.31
C THR E 120 37.53 -28.40 30.92
N VAL E 121 37.22 -28.57 29.64
CA VAL E 121 36.74 -29.84 29.10
C VAL E 121 37.87 -30.45 28.27
N SER E 122 38.37 -31.61 28.71
CA SER E 122 39.45 -32.29 28.03
C SER E 122 39.48 -33.74 28.49
N SER E 123 40.53 -34.46 28.10
CA SER E 123 40.75 -35.86 28.47
C SER E 123 42.14 -35.98 29.06
N ALA E 124 42.23 -36.13 30.38
CA ALA E 124 43.53 -36.20 31.04
C ALA E 124 43.44 -36.94 32.37
N GLU F 2 19.21 -11.09 14.98
CA GLU F 2 20.57 -11.46 15.36
C GLU F 2 21.50 -10.24 15.34
N ILE F 3 21.45 -9.45 16.42
CA ILE F 3 22.24 -8.24 16.49
C ILE F 3 23.71 -8.57 16.68
N VAL F 4 24.58 -7.92 15.92
CA VAL F 4 26.02 -8.15 15.96
C VAL F 4 26.71 -6.79 16.08
N LEU F 5 27.53 -6.63 17.11
CA LEU F 5 28.33 -5.43 17.30
C LEU F 5 29.74 -5.68 16.76
N THR F 6 30.20 -4.80 15.87
CA THR F 6 31.51 -4.95 15.24
C THR F 6 32.37 -3.78 15.64
N GLN F 7 33.47 -4.06 16.36
CA GLN F 7 34.35 -3.03 16.87
C GLN F 7 35.55 -2.85 15.94
N SER F 8 36.09 -1.63 15.94
CA SER F 8 37.23 -1.28 15.11
C SER F 8 38.13 -0.31 15.84
N PRO F 9 39.46 -0.51 15.72
CA PRO F 9 40.07 -1.64 15.01
C PRO F 9 40.22 -2.86 15.91
N GLY F 10 40.94 -3.87 15.43
CA GLY F 10 41.25 -5.03 16.25
C GLY F 10 42.21 -4.68 17.37
N THR F 11 43.36 -4.11 16.99
CA THR F 11 44.33 -3.60 17.93
C THR F 11 44.57 -2.12 17.64
N LEU F 12 44.81 -1.36 18.70
CA LEU F 12 45.05 0.08 18.60
C LEU F 12 46.34 0.40 19.32
N SER F 13 47.40 0.67 18.57
CA SER F 13 48.73 0.92 19.11
C SER F 13 48.94 2.43 19.24
N LEU F 14 49.03 2.90 20.48
CA LEU F 14 49.27 4.30 20.77
C LEU F 14 50.28 4.40 21.91
N SER F 15 50.61 5.63 22.28
CA SER F 15 51.55 5.93 23.34
C SER F 15 50.85 6.64 24.49
N PRO F 16 51.39 6.56 25.71
CA PRO F 16 50.76 7.27 26.83
C PRO F 16 50.71 8.77 26.57
N GLY F 17 49.57 9.37 26.87
CA GLY F 17 49.30 10.76 26.60
C GLY F 17 48.49 11.02 25.35
N GLU F 18 48.66 10.18 24.32
CA GLU F 18 47.96 10.36 23.06
C GLU F 18 46.45 10.17 23.25
N ARG F 19 45.70 10.51 22.21
CA ARG F 19 44.25 10.38 22.20
C ARG F 19 43.84 9.09 21.52
N ALA F 20 42.90 8.38 22.13
CA ALA F 20 42.39 7.13 21.59
C ALA F 20 40.92 7.30 21.20
N THR F 21 40.53 6.64 20.11
CA THR F 21 39.15 6.63 19.64
C THR F 21 38.80 5.21 19.22
N LEU F 22 37.77 4.64 19.84
CA LEU F 22 37.34 3.28 19.56
C LEU F 22 35.91 3.30 19.05
N SER F 23 35.65 2.56 17.98
CA SER F 23 34.35 2.56 17.33
C SER F 23 33.62 1.25 17.58
N CYS F 24 32.28 1.33 17.48
CA CYS F 24 31.40 0.18 17.70
C CYS F 24 30.25 0.32 16.72
N ARG F 25 30.22 -0.53 15.70
CA ARG F 25 29.18 -0.49 14.66
C ARG F 25 28.21 -1.64 14.87
N ALA F 26 26.92 -1.30 15.00
CA ALA F 26 25.87 -2.29 15.21
C ALA F 26 25.26 -2.72 13.87
N SER F 27 24.86 -4.00 13.80
CA SER F 27 24.27 -4.53 12.58
C SER F 27 22.89 -3.96 12.29
N GLN F 28 22.31 -3.20 13.23
CA GLN F 28 21.03 -2.53 13.02
C GLN F 28 20.90 -1.43 14.06
N SER F 29 20.05 -0.45 13.76
CA SER F 29 19.88 0.68 14.64
C SER F 29 19.42 0.23 16.02
N ILE F 30 20.10 0.74 17.05
CA ILE F 30 19.76 0.43 18.44
C ILE F 30 19.68 1.73 19.21
N SER F 31 18.90 1.72 20.29
CA SER F 31 18.74 2.90 21.12
C SER F 31 20.02 3.17 21.91
N SER F 32 20.48 4.42 21.88
CA SER F 32 21.70 4.76 22.61
C SER F 32 21.51 4.67 24.12
N SER F 33 20.27 4.67 24.60
CA SER F 33 20.03 4.55 26.03
C SER F 33 20.49 3.21 26.59
N TYR F 34 20.73 2.22 25.74
CA TYR F 34 21.04 0.86 26.16
C TYR F 34 22.31 0.35 25.50
N LEU F 35 23.33 1.20 25.43
CA LEU F 35 24.66 0.81 24.99
C LEU F 35 25.65 1.07 26.10
N ALA F 36 26.48 0.07 26.41
CA ALA F 36 27.45 0.16 27.48
C ALA F 36 28.85 -0.08 26.95
N TRP F 37 29.83 0.43 27.70
CA TRP F 37 31.24 0.20 27.41
C TRP F 37 31.89 -0.43 28.63
N TYR F 38 32.68 -1.48 28.42
CA TYR F 38 33.36 -2.19 29.48
C TYR F 38 34.86 -2.18 29.23
N GLN F 39 35.62 -2.23 30.32
CA GLN F 39 37.06 -2.40 30.29
C GLN F 39 37.42 -3.72 30.94
N GLN F 40 38.43 -4.41 30.41
CA GLN F 40 38.85 -5.69 30.96
C GLN F 40 40.36 -5.83 30.86
N ARG F 41 40.99 -6.16 31.97
CA ARG F 41 42.41 -6.46 32.04
C ARG F 41 42.61 -7.97 32.06
N PRO F 42 43.82 -8.45 31.73
CA PRO F 42 44.06 -9.89 31.76
C PRO F 42 43.83 -10.47 33.14
N GLY F 43 43.13 -11.61 33.19
CA GLY F 43 42.86 -12.28 34.44
C GLY F 43 41.88 -11.60 35.35
N GLN F 44 41.10 -10.64 34.84
CA GLN F 44 40.17 -9.88 35.64
C GLN F 44 38.84 -9.77 34.92
N ALA F 45 37.78 -9.55 35.68
CA ALA F 45 36.44 -9.44 35.12
C ALA F 45 36.26 -8.09 34.42
N PRO F 46 35.32 -8.00 33.49
CA PRO F 46 35.03 -6.70 32.87
C PRO F 46 34.46 -5.72 33.88
N ARG F 47 34.81 -4.44 33.73
CA ARG F 47 34.27 -3.37 34.55
C ARG F 47 33.56 -2.37 33.66
N LEU F 48 32.38 -1.93 34.11
CA LEU F 48 31.59 -0.99 33.33
C LEU F 48 32.23 0.40 33.35
N LEU F 49 32.44 0.97 32.15
CA LEU F 49 32.94 2.32 32.02
C LEU F 49 31.82 3.31 31.72
N ILE F 50 31.09 3.09 30.64
CA ILE F 50 30.03 3.99 30.19
C ILE F 50 28.72 3.21 30.12
N TYR F 51 27.62 3.87 30.44
CA TYR F 51 26.29 3.33 30.21
C TYR F 51 25.41 4.41 29.61
N GLY F 52 24.35 3.99 28.92
CA GLY F 52 23.55 4.95 28.18
C GLY F 52 24.32 5.67 27.09
N ALA F 53 25.36 5.03 26.55
CA ALA F 53 26.19 5.53 25.46
C ALA F 53 27.13 6.66 25.90
N SER F 54 26.71 7.48 26.85
CA SER F 54 27.48 8.68 27.20
C SER F 54 27.68 8.91 28.70
N THR F 55 26.91 8.29 29.58
CA THR F 55 27.07 8.54 31.01
C THR F 55 28.19 7.69 31.59
N ARG F 56 29.11 8.34 32.29
CA ARG F 56 30.19 7.64 32.97
C ARG F 56 29.71 7.07 34.31
N ALA F 57 30.20 5.89 34.65
CA ALA F 57 29.92 5.33 35.96
C ALA F 57 30.69 6.10 37.02
N THR F 58 30.13 6.13 38.24
CA THR F 58 30.75 6.84 39.34
C THR F 58 32.20 6.41 39.53
N GLY F 59 33.11 7.37 39.38
CA GLY F 59 34.53 7.13 39.60
C GLY F 59 35.36 6.99 38.35
N ILE F 60 34.74 6.78 37.20
CA ILE F 60 35.52 6.66 35.95
C ILE F 60 36.03 8.04 35.56
N PRO F 61 37.32 8.17 35.21
CA PRO F 61 37.86 9.49 34.88
C PRO F 61 37.11 10.15 33.72
N ASP F 62 37.01 11.49 33.79
CA ASP F 62 36.29 12.23 32.77
C ASP F 62 37.02 12.26 31.43
N ARG F 63 38.28 11.79 31.38
CA ARG F 63 38.94 11.66 30.09
C ARG F 63 38.26 10.63 29.21
N PHE F 64 37.56 9.67 29.82
CA PHE F 64 36.73 8.74 29.07
C PHE F 64 35.44 9.43 28.64
N SER F 65 35.06 9.23 27.39
CA SER F 65 33.86 9.84 26.85
C SER F 65 33.24 8.93 25.80
N GLY F 66 31.91 8.82 25.86
CA GLY F 66 31.17 8.03 24.89
C GLY F 66 30.14 8.89 24.18
N SER F 67 29.86 8.54 22.93
CA SER F 67 28.87 9.24 22.14
C SER F 67 28.41 8.34 21.01
N GLY F 68 27.30 8.71 20.39
CA GLY F 68 26.79 7.97 19.26
C GLY F 68 25.29 7.86 19.23
N SER F 69 24.76 7.30 18.14
CA SER F 69 23.34 7.09 17.95
C SER F 69 23.17 6.21 16.72
N GLY F 70 21.98 5.64 16.60
CA GLY F 70 21.67 4.81 15.45
C GLY F 70 22.53 3.56 15.36
N THR F 71 23.53 3.59 14.48
CA THR F 71 24.35 2.41 14.23
C THR F 71 25.80 2.58 14.64
N ASP F 72 26.28 3.81 14.82
CA ASP F 72 27.68 4.08 15.14
C ASP F 72 27.80 4.65 16.54
N PHE F 73 28.71 4.05 17.32
CA PHE F 73 29.01 4.51 18.67
C PHE F 73 30.52 4.55 18.87
N THR F 74 30.96 5.44 19.75
CA THR F 74 32.37 5.74 19.86
C THR F 74 32.75 6.01 21.31
N LEU F 75 33.80 5.32 21.78
CA LEU F 75 34.43 5.59 23.06
C LEU F 75 35.76 6.29 22.80
N THR F 76 35.98 7.43 23.45
CA THR F 76 37.17 8.24 23.24
C THR F 76 37.89 8.46 24.56
N ILE F 77 39.22 8.32 24.53
CA ILE F 77 40.09 8.55 25.68
C ILE F 77 41.01 9.71 25.33
N SER F 78 40.78 10.86 25.95
CA SER F 78 41.48 12.08 25.55
C SER F 78 42.98 11.98 25.84
N ARG F 79 43.35 11.68 27.09
CA ARG F 79 44.74 11.65 27.53
C ARG F 79 45.04 10.25 28.04
N LEU F 80 45.81 9.49 27.27
CA LEU F 80 46.08 8.09 27.60
C LEU F 80 47.03 8.00 28.79
N GLU F 81 46.55 7.41 29.88
CA GLU F 81 47.37 7.02 31.00
C GLU F 81 47.85 5.59 30.83
N PRO F 82 48.95 5.21 31.50
CA PRO F 82 49.46 3.83 31.31
C PRO F 82 48.48 2.75 31.73
N GLU F 83 47.59 3.03 32.68
CA GLU F 83 46.61 2.02 33.11
C GLU F 83 45.39 1.96 32.20
N ASP F 84 45.36 2.72 31.10
CA ASP F 84 44.26 2.67 30.16
C ASP F 84 44.44 1.63 29.07
N PHE F 85 45.62 1.00 29.00
CA PHE F 85 45.90 0.00 27.97
C PHE F 85 45.31 -1.34 28.40
N ALA F 86 44.10 -1.61 27.93
CA ALA F 86 43.40 -2.86 28.20
C ALA F 86 42.64 -3.23 26.94
N VAL F 87 41.68 -4.14 27.07
CA VAL F 87 40.75 -4.46 26.00
C VAL F 87 39.38 -3.88 26.39
N TYR F 88 38.73 -3.23 25.43
CA TYR F 88 37.46 -2.55 25.67
C TYR F 88 36.36 -3.23 24.86
N TYR F 89 35.20 -3.38 25.50
CA TYR F 89 34.03 -3.99 24.88
C TYR F 89 32.88 -3.00 24.85
N CYS F 90 32.12 -3.03 23.76
CA CYS F 90 30.81 -2.38 23.71
C CYS F 90 29.74 -3.44 23.79
N GLN F 91 28.62 -3.10 24.41
CA GLN F 91 27.53 -4.03 24.61
C GLN F 91 26.20 -3.30 24.50
N GLN F 92 25.26 -3.88 23.77
CA GLN F 92 23.88 -3.45 23.80
C GLN F 92 23.13 -4.34 24.79
N TYR F 93 22.30 -3.72 25.64
CA TYR F 93 21.60 -4.46 26.67
C TYR F 93 20.11 -4.15 26.67
N GLY F 94 19.56 -3.71 25.55
CA GLY F 94 18.14 -3.43 25.48
C GLY F 94 17.37 -4.55 24.82
N SER F 95 18.08 -5.48 24.18
CA SER F 95 17.44 -6.56 23.42
C SER F 95 18.17 -7.87 23.68
N SER F 96 17.39 -8.92 23.90
CA SER F 96 17.94 -10.26 24.12
C SER F 96 18.18 -10.96 22.78
N PRO F 97 19.34 -11.64 22.65
CA PRO F 97 20.39 -11.71 23.66
C PRO F 97 21.24 -10.44 23.68
N TYR F 98 21.77 -10.10 24.85
CA TYR F 98 22.51 -8.86 25.04
C TYR F 98 23.94 -9.10 24.56
N THR F 99 24.33 -8.41 23.49
CA THR F 99 25.49 -8.79 22.70
C THR F 99 26.66 -7.86 22.97
N PHE F 100 27.86 -8.46 23.03
CA PHE F 100 29.12 -7.74 23.12
C PHE F 100 29.83 -7.78 21.77
N GLY F 101 30.65 -6.78 21.51
CA GLY F 101 31.56 -6.83 20.39
C GLY F 101 32.74 -7.74 20.68
N GLN F 102 33.58 -7.94 19.66
CA GLN F 102 34.74 -8.80 19.83
C GLN F 102 35.87 -8.10 20.60
N GLY F 103 35.75 -6.81 20.85
CA GLY F 103 36.72 -6.10 21.66
C GLY F 103 37.81 -5.45 20.85
N THR F 104 38.45 -4.46 21.46
CA THR F 104 39.60 -3.75 20.89
C THR F 104 40.69 -3.67 21.94
N LYS F 105 41.92 -3.99 21.56
CA LYS F 105 43.05 -4.03 22.48
C LYS F 105 43.93 -2.81 22.28
N LEU F 106 44.05 -2.00 23.32
CA LEU F 106 44.96 -0.84 23.31
C LEU F 106 46.32 -1.31 23.82
N GLU F 107 47.29 -1.42 22.91
CA GLU F 107 48.62 -1.91 23.22
C GLU F 107 49.63 -0.78 23.05
N ILE F 108 50.56 -0.67 23.99
CA ILE F 108 51.57 0.38 23.98
C ILE F 108 52.57 0.17 22.84
#